data_2WUA
#
_entry.id   2WUA
#
_cell.length_a   78.596
_cell.length_b   100.692
_cell.length_c   105.296
_cell.angle_alpha   90.00
_cell.angle_beta   90.00
_cell.angle_gamma   90.00
#
_symmetry.space_group_name_H-M   'P 21 21 21'
#
loop_
_entity.id
_entity.type
_entity.pdbx_description
1 polymer 'ACETOACETYL COA THIOLASE'
2 water water
#
_entity_poly.entity_id   1
_entity_poly.type   'polypeptide(L)'
_entity_poly.pdbx_seq_one_letter_code
;MPSSTSSSLENLSVSVCAAGDSAAYQRNSVFGDDVVIVAAYRSPLCKAKRGGLKDTYPDDILAPVLKALIEKTNINPAEV
GDIVVGSVLGAGSQRASECRMAAFYAGFPETVPVRTVNRQCSSGLQAVADVAAAIKAGFYDIGIGAGLESMTANPMAWEG
SVNPKVKTMAQAQDCLLPMGITSENVAQKFSITRQEQDQAAVGSHRKTAAATAAGRFKDEIIPIKTKIVDPKTGDEKPVT
ISVDDGIRPGTSLADLAKLKPVFRKDGSTTAGTSSQVSDGAGAVLLMKRSIALQKGLPILGVFRTFAAVGVPPSIMGIGP
AVAIPAAVKAAGLQIDDIDLFEINEAFASQFVYCQKKLEIDPQKINVNGGAMAIGHPLGATGARCVATLLHEMKRRGRDC
RFGVVSMCIGTGMGAAAVFERGDACDELCNAKAKHHHHHH
;
_entity_poly.pdbx_strand_id   A,B
#
# COMPACT_ATOMS: atom_id res chain seq x y z
N GLY A 32 1.20 -25.99 -8.84
CA GLY A 32 0.81 -26.28 -10.20
C GLY A 32 -0.26 -25.34 -10.72
N ASP A 33 -1.15 -24.90 -9.83
CA ASP A 33 -2.25 -24.01 -10.24
C ASP A 33 -1.76 -22.56 -10.29
N ASP A 34 -1.02 -22.22 -11.35
CA ASP A 34 -0.40 -20.91 -11.50
C ASP A 34 -1.36 -19.73 -11.44
N VAL A 35 -0.83 -18.56 -11.10
CA VAL A 35 -1.58 -17.33 -11.20
C VAL A 35 -1.43 -16.83 -12.65
N VAL A 36 -2.54 -16.67 -13.34
CA VAL A 36 -2.50 -16.25 -14.74
C VAL A 36 -3.15 -14.90 -14.90
N ILE A 37 -2.85 -14.23 -16.01
CA ILE A 37 -3.45 -12.93 -16.33
C ILE A 37 -4.44 -13.16 -17.50
N VAL A 38 -5.70 -12.76 -17.32
CA VAL A 38 -6.70 -12.95 -18.37
C VAL A 38 -7.04 -11.66 -19.12
N ALA A 39 -6.63 -10.53 -18.55
CA ALA A 39 -6.79 -9.23 -19.21
C ALA A 39 -5.86 -8.21 -18.57
N ALA A 40 -5.37 -7.28 -19.39
CA ALA A 40 -4.49 -6.23 -18.89
C ALA A 40 -4.64 -5.03 -19.78
N TYR A 41 -5.03 -3.89 -19.20
CA TYR A 41 -5.27 -2.70 -20.00
C TYR A 41 -4.68 -1.47 -19.34
N ARG A 42 -4.67 -0.37 -20.08
CA ARG A 42 -4.23 0.91 -19.55
C ARG A 42 -4.98 2.05 -20.21
N SER A 43 -4.94 3.22 -19.57
CA SER A 43 -5.43 4.43 -20.22
C SER A 43 -4.32 4.91 -21.14
N PRO A 44 -4.62 5.87 -22.02
CA PRO A 44 -3.50 6.58 -22.63
C PRO A 44 -2.79 7.29 -21.49
N LEU A 45 -1.49 7.53 -21.64
CA LEU A 45 -0.76 8.34 -20.68
C LEU A 45 -0.62 9.75 -21.28
N CYS A 46 -0.92 10.76 -20.47
CA CYS A 46 -0.89 12.14 -20.97
C CYS A 46 -0.03 13.07 -20.12
N LYS A 47 0.50 14.11 -20.76
CA LYS A 47 1.35 15.06 -20.07
C LYS A 47 0.61 15.74 -18.92
N ALA A 48 1.24 15.79 -17.75
CA ALA A 48 0.63 16.43 -16.60
C ALA A 48 0.39 17.92 -16.91
N LYS A 49 -0.69 18.47 -16.35
CA LYS A 49 -0.95 19.91 -16.38
C LYS A 49 -1.43 20.46 -17.72
N ARG A 50 -0.86 19.97 -18.81
CA ARG A 50 -1.17 20.52 -20.14
C ARG A 50 -1.76 19.48 -21.08
N GLY A 51 -1.67 18.21 -20.68
CA GLY A 51 -2.12 17.10 -21.53
C GLY A 51 -3.60 16.78 -21.49
N GLY A 52 -3.98 15.69 -22.15
CA GLY A 52 -5.37 15.39 -22.40
C GLY A 52 -6.20 15.01 -21.20
N LEU A 53 -5.54 14.57 -20.14
CA LEU A 53 -6.25 14.15 -18.92
C LEU A 53 -6.22 15.22 -17.82
N LYS A 54 -5.77 16.42 -18.17
CA LYS A 54 -5.56 17.47 -17.16
C LYS A 54 -6.84 17.86 -16.43
N ASP A 55 -7.99 17.65 -17.05
CA ASP A 55 -9.26 18.05 -16.47
C ASP A 55 -10.08 16.82 -16.15
N THR A 56 -9.41 15.70 -16.01
CA THR A 56 -10.08 14.44 -15.69
C THR A 56 -9.75 14.06 -14.25
N TYR A 57 -10.76 13.78 -13.43
CA TYR A 57 -10.53 13.39 -12.04
C TYR A 57 -9.85 12.03 -12.00
N PRO A 58 -9.07 11.77 -10.94
CA PRO A 58 -8.36 10.48 -10.86
C PRO A 58 -9.30 9.28 -10.97
N ASP A 59 -10.45 9.30 -10.31
CA ASP A 59 -11.34 8.16 -10.40
C ASP A 59 -11.81 7.87 -11.83
N ASP A 60 -12.00 8.92 -12.63
CA ASP A 60 -12.40 8.77 -14.04
C ASP A 60 -11.28 8.29 -14.99
N ILE A 61 -10.03 8.36 -14.55
CA ILE A 61 -8.94 7.77 -15.32
C ILE A 61 -8.92 6.25 -15.09
N LEU A 62 -9.11 5.85 -13.83
CA LEU A 62 -9.05 4.44 -13.47
C LEU A 62 -10.31 3.65 -13.87
N ALA A 63 -11.49 4.23 -13.66
CA ALA A 63 -12.74 3.48 -13.80
C ALA A 63 -12.89 2.74 -15.14
N PRO A 64 -12.63 3.44 -16.26
CA PRO A 64 -12.82 2.78 -17.56
C PRO A 64 -11.88 1.59 -17.73
N VAL A 65 -10.70 1.67 -17.12
CA VAL A 65 -9.71 0.59 -17.26
C VAL A 65 -10.12 -0.63 -16.44
N LEU A 66 -10.61 -0.37 -15.22
CA LEU A 66 -11.15 -1.45 -14.41
C LEU A 66 -12.31 -2.11 -15.13
N LYS A 67 -13.18 -1.30 -15.71
CA LYS A 67 -14.39 -1.83 -16.33
C LYS A 67 -14.08 -2.70 -17.53
N ALA A 68 -13.05 -2.32 -18.26
CA ALA A 68 -12.67 -3.05 -19.47
C ALA A 68 -12.25 -4.47 -19.15
N LEU A 69 -11.67 -4.68 -17.96
CA LEU A 69 -11.28 -6.03 -17.54
C LEU A 69 -12.53 -6.93 -17.46
N ILE A 70 -13.63 -6.36 -16.96
CA ILE A 70 -14.89 -7.08 -16.80
C ILE A 70 -15.59 -7.24 -18.16
N GLU A 71 -15.60 -6.18 -18.96
CA GLU A 71 -16.17 -6.23 -20.29
C GLU A 71 -15.50 -7.31 -21.15
N LYS A 72 -14.17 -7.41 -21.05
CA LYS A 72 -13.41 -8.37 -21.82
C LYS A 72 -13.73 -9.83 -21.45
N THR A 73 -13.80 -10.12 -20.16
CA THR A 73 -13.90 -11.50 -19.69
C THR A 73 -15.33 -11.92 -19.35
N ASN A 74 -16.21 -10.94 -19.22
CA ASN A 74 -17.59 -11.19 -18.80
C ASN A 74 -17.78 -11.96 -17.49
N ILE A 75 -16.84 -11.82 -16.56
CA ILE A 75 -17.06 -12.42 -15.25
C ILE A 75 -18.03 -11.54 -14.48
N ASN A 76 -18.67 -12.12 -13.48
CA ASN A 76 -19.43 -11.32 -12.53
C ASN A 76 -18.43 -10.55 -11.70
N PRO A 77 -18.57 -9.22 -11.64
CA PRO A 77 -17.62 -8.37 -10.91
C PRO A 77 -17.54 -8.77 -9.45
N ALA A 78 -18.63 -9.35 -8.93
CA ALA A 78 -18.67 -9.77 -7.53
C ALA A 78 -17.66 -10.87 -7.21
N GLU A 79 -17.16 -11.57 -8.22
CA GLU A 79 -16.19 -12.64 -8.01
C GLU A 79 -14.78 -12.16 -7.69
N VAL A 80 -14.53 -10.88 -7.92
CA VAL A 80 -13.21 -10.30 -7.63
C VAL A 80 -13.00 -10.19 -6.11
N GLY A 81 -11.89 -10.72 -5.61
CA GLY A 81 -11.63 -10.77 -4.18
C GLY A 81 -11.01 -9.51 -3.58
N ASP A 82 -10.33 -8.73 -4.42
CA ASP A 82 -9.73 -7.46 -3.99
C ASP A 82 -9.35 -6.64 -5.23
N ILE A 83 -9.35 -5.33 -5.09
CA ILE A 83 -8.81 -4.43 -6.11
C ILE A 83 -7.69 -3.65 -5.45
N VAL A 84 -6.46 -3.93 -5.87
CA VAL A 84 -5.25 -3.36 -5.27
C VAL A 84 -4.64 -2.35 -6.23
N VAL A 85 -4.58 -1.10 -5.79
CA VAL A 85 -4.15 -0.01 -6.66
C VAL A 85 -2.86 0.68 -6.19
N GLY A 86 -1.81 0.56 -6.99
CA GLY A 86 -0.58 1.29 -6.72
C GLY A 86 -0.80 2.77 -6.98
N SER A 87 -0.45 3.61 -6.03
CA SER A 87 -0.59 5.06 -6.22
C SER A 87 0.33 5.74 -5.21
N VAL A 88 0.92 6.86 -5.61
CA VAL A 88 2.07 7.37 -4.89
C VAL A 88 1.86 8.74 -4.23
N LEU A 89 1.25 9.66 -4.97
CA LEU A 89 1.31 11.09 -4.58
C LEU A 89 0.11 11.66 -3.83
N GLY A 90 -1.07 11.07 -3.99
CA GLY A 90 -2.24 11.58 -3.29
C GLY A 90 -2.14 11.52 -1.76
N ALA A 91 -2.96 12.32 -1.07
CA ALA A 91 -3.19 12.08 0.35
C ALA A 91 -3.70 10.65 0.44
N GLY A 92 -3.18 9.88 1.38
CA GLY A 92 -3.45 8.45 1.44
C GLY A 92 -4.92 8.09 1.49
N SER A 93 -5.60 8.56 2.53
CA SER A 93 -7.01 8.24 2.73
C SER A 93 -7.87 8.68 1.54
N GLN A 94 -7.62 9.88 1.04
CA GLN A 94 -8.39 10.40 -0.10
C GLN A 94 -8.26 9.52 -1.34
N ARG A 95 -7.03 9.14 -1.68
CA ARG A 95 -6.81 8.32 -2.86
C ARG A 95 -7.47 6.96 -2.70
N ALA A 96 -7.43 6.38 -1.51
CA ALA A 96 -8.10 5.09 -1.30
C ALA A 96 -9.61 5.20 -1.48
N SER A 97 -10.18 6.33 -1.06
N SER A 97 -10.18 6.33 -1.06
CA SER A 97 -11.60 6.60 -1.27
CA SER A 97 -11.60 6.59 -1.27
C SER A 97 -11.89 6.77 -2.76
C SER A 97 -11.90 6.77 -2.76
N GLU A 98 -11.06 7.55 -3.44
CA GLU A 98 -11.19 7.74 -4.88
C GLU A 98 -11.19 6.39 -5.63
N CYS A 99 -10.36 5.45 -5.18
CA CYS A 99 -10.34 4.11 -5.79
C CYS A 99 -11.62 3.29 -5.54
N ARG A 100 -12.17 3.38 -4.33
CA ARG A 100 -13.48 2.80 -4.04
C ARG A 100 -14.54 3.37 -4.98
N MET A 101 -14.54 4.69 -5.14
CA MET A 101 -15.46 5.33 -6.07
C MET A 101 -15.24 4.88 -7.53
N ALA A 102 -13.99 4.84 -7.99
CA ALA A 102 -13.72 4.36 -9.33
C ALA A 102 -14.29 2.96 -9.54
N ALA A 103 -14.15 2.11 -8.53
CA ALA A 103 -14.63 0.74 -8.66
C ALA A 103 -16.15 0.69 -8.78
N PHE A 104 -16.82 1.54 -8.01
CA PHE A 104 -18.27 1.71 -8.13
C PHE A 104 -18.67 2.21 -9.52
N TYR A 105 -17.96 3.22 -10.04
CA TYR A 105 -18.26 3.71 -11.38
C TYR A 105 -18.15 2.58 -12.39
N ALA A 106 -17.17 1.69 -12.18
CA ALA A 106 -16.88 0.62 -13.14
C ALA A 106 -17.83 -0.55 -13.04
N GLY A 107 -18.71 -0.51 -12.04
CA GLY A 107 -19.78 -1.48 -11.92
C GLY A 107 -19.55 -2.58 -10.90
N PHE A 108 -18.53 -2.43 -10.06
CA PHE A 108 -18.26 -3.43 -9.02
C PHE A 108 -19.25 -3.18 -7.89
N PRO A 109 -19.75 -4.26 -7.27
CA PRO A 109 -20.68 -4.12 -6.15
C PRO A 109 -19.93 -3.75 -4.87
N GLU A 110 -20.63 -3.33 -3.83
CA GLU A 110 -20.00 -2.85 -2.61
C GLU A 110 -19.26 -3.95 -1.86
N THR A 111 -19.53 -5.21 -2.21
CA THR A 111 -18.91 -6.35 -1.54
C THR A 111 -17.45 -6.56 -1.97
N VAL A 112 -17.08 -5.99 -3.10
CA VAL A 112 -15.70 -6.09 -3.59
C VAL A 112 -14.87 -4.98 -2.93
N PRO A 113 -13.84 -5.36 -2.15
CA PRO A 113 -13.04 -4.37 -1.41
C PRO A 113 -11.92 -3.77 -2.26
N VAL A 114 -11.40 -2.64 -1.81
N VAL A 114 -11.40 -2.62 -1.84
CA VAL A 114 -10.35 -1.91 -2.51
CA VAL A 114 -10.29 -1.99 -2.53
C VAL A 114 -9.29 -1.46 -1.52
C VAL A 114 -9.27 -1.51 -1.52
N ARG A 115 -8.03 -1.38 -1.98
CA ARG A 115 -6.96 -0.81 -1.16
C ARG A 115 -5.89 -0.23 -2.08
N THR A 116 -4.98 0.55 -1.51
CA THR A 116 -3.83 1.03 -2.29
C THR A 116 -2.52 0.55 -1.69
N VAL A 117 -1.47 0.61 -2.48
CA VAL A 117 -0.14 0.26 -2.01
C VAL A 117 0.87 1.25 -2.56
N ASN A 118 1.95 1.44 -1.83
CA ASN A 118 2.94 2.42 -2.22
C ASN A 118 4.34 1.87 -2.03
N ARG A 119 5.02 1.59 -3.15
CA ARG A 119 6.47 1.42 -3.16
C ARG A 119 7.01 2.37 -4.22
N GLN A 120 6.64 3.64 -4.06
CA GLN A 120 7.11 4.70 -4.96
C GLN A 120 6.91 4.28 -6.41
N CYS A 121 7.96 4.39 -7.23
CA CYS A 121 7.85 4.17 -8.67
C CYS A 121 7.39 2.77 -9.09
N SER A 122 7.51 1.80 -8.18
CA SER A 122 7.14 0.43 -8.52
C SER A 122 5.70 0.06 -8.11
N SER A 123 4.94 1.02 -7.59
CA SER A 123 3.67 0.72 -6.92
C SER A 123 2.70 -0.08 -7.77
N GLY A 124 2.60 0.27 -9.05
CA GLY A 124 1.64 -0.45 -9.92
C GLY A 124 2.01 -1.92 -10.09
N LEU A 125 3.30 -2.21 -10.17
CA LEU A 125 3.75 -3.60 -10.32
C LEU A 125 3.63 -4.32 -8.99
N GLN A 126 3.93 -3.62 -7.91
CA GLN A 126 3.73 -4.15 -6.56
C GLN A 126 2.30 -4.61 -6.34
N ALA A 127 1.34 -3.84 -6.85
CA ALA A 127 -0.06 -4.22 -6.68
C ALA A 127 -0.38 -5.54 -7.40
N VAL A 128 0.22 -5.72 -8.57
CA VAL A 128 0.07 -6.95 -9.32
C VAL A 128 0.66 -8.11 -8.53
N ALA A 129 1.85 -7.89 -7.97
CA ALA A 129 2.51 -8.91 -7.15
C ALA A 129 1.71 -9.26 -5.87
N ASP A 130 1.06 -8.26 -5.29
CA ASP A 130 0.27 -8.48 -4.08
C ASP A 130 -0.94 -9.36 -4.39
N VAL A 131 -1.58 -9.10 -5.53
CA VAL A 131 -2.68 -9.99 -5.93
C VAL A 131 -2.17 -11.41 -6.19
N ALA A 132 -1.05 -11.55 -6.89
CA ALA A 132 -0.52 -12.87 -7.16
C ALA A 132 -0.20 -13.59 -5.85
N ALA A 133 0.41 -12.86 -4.91
CA ALA A 133 0.75 -13.45 -3.61
C ALA A 133 -0.52 -13.89 -2.89
N ALA A 134 -1.54 -13.06 -2.93
CA ALA A 134 -2.77 -13.34 -2.22
C ALA A 134 -3.43 -14.58 -2.81
N ILE A 135 -3.44 -14.67 -4.13
CA ILE A 135 -4.06 -15.83 -4.76
C ILE A 135 -3.27 -17.10 -4.43
N LYS A 136 -1.94 -17.02 -4.50
CA LYS A 136 -1.10 -18.17 -4.16
C LYS A 136 -1.31 -18.60 -2.72
N ALA A 137 -1.59 -17.64 -1.84
CA ALA A 137 -1.74 -17.91 -0.42
C ALA A 137 -3.12 -18.45 -0.07
N GLY A 138 -4.00 -18.50 -1.07
CA GLY A 138 -5.35 -18.97 -0.87
C GLY A 138 -6.29 -17.94 -0.28
N PHE A 139 -5.87 -16.67 -0.27
CA PHE A 139 -6.72 -15.61 0.27
C PHE A 139 -8.00 -15.44 -0.55
N TYR A 140 -7.90 -15.60 -1.86
CA TYR A 140 -9.03 -15.51 -2.79
C TYR A 140 -8.55 -16.01 -4.15
N ASP A 141 -9.48 -16.18 -5.09
CA ASP A 141 -9.17 -16.86 -6.34
C ASP A 141 -8.98 -15.90 -7.52
N ILE A 142 -9.53 -14.69 -7.41
CA ILE A 142 -9.50 -13.71 -8.50
C ILE A 142 -9.27 -12.34 -7.92
N GLY A 143 -8.37 -11.55 -8.51
CA GLY A 143 -8.22 -10.17 -8.07
C GLY A 143 -7.67 -9.26 -9.15
N ILE A 144 -7.68 -7.96 -8.88
CA ILE A 144 -7.21 -6.97 -9.84
C ILE A 144 -6.05 -6.21 -9.24
N GLY A 145 -4.94 -6.16 -9.97
CA GLY A 145 -3.79 -5.34 -9.59
C GLY A 145 -3.75 -4.20 -10.56
N ALA A 146 -3.71 -2.97 -10.03
CA ALA A 146 -3.84 -1.77 -10.85
C ALA A 146 -2.87 -0.70 -10.42
N GLY A 147 -2.85 0.40 -11.15
CA GLY A 147 -2.04 1.54 -10.77
C GLY A 147 -2.69 2.80 -11.30
N LEU A 148 -2.54 3.90 -10.57
CA LEU A 148 -3.19 5.18 -10.93
C LEU A 148 -2.33 6.33 -10.45
N GLU A 149 -2.13 7.32 -11.30
CA GLU A 149 -1.49 8.56 -10.86
C GLU A 149 -2.05 9.71 -11.66
N SER A 150 -2.40 10.80 -10.97
CA SER A 150 -2.65 12.07 -11.63
C SER A 150 -1.61 13.05 -11.12
N MET A 151 -0.53 13.18 -11.87
CA MET A 151 0.51 14.12 -11.49
C MET A 151 0.03 15.55 -11.74
N THR A 152 -1.08 15.71 -12.45
CA THR A 152 -1.73 17.03 -12.54
C THR A 152 -2.30 17.41 -11.18
N ALA A 153 -3.05 16.49 -10.59
CA ALA A 153 -3.77 16.76 -9.37
C ALA A 153 -2.89 16.81 -8.11
N ASN A 154 -1.82 16.01 -8.11
CA ASN A 154 -1.08 15.74 -6.87
C ASN A 154 0.41 16.05 -6.99
N PRO A 155 0.81 17.26 -6.56
CA PRO A 155 2.23 17.61 -6.59
C PRO A 155 3.03 16.74 -5.64
N MET A 156 4.30 16.51 -5.98
CA MET A 156 5.26 15.95 -5.05
C MET A 156 5.52 17.05 -4.03
N ALA A 157 5.42 16.73 -2.76
CA ALA A 157 5.59 17.74 -1.73
C ALA A 157 5.87 17.13 -0.35
N TRP A 158 6.70 17.82 0.42
CA TRP A 158 7.05 17.36 1.76
C TRP A 158 6.34 18.21 2.81
N GLU A 159 5.68 17.56 3.75
CA GLU A 159 4.95 18.25 4.80
C GLU A 159 5.79 18.37 6.07
N GLY A 160 6.12 19.60 6.46
CA GLY A 160 6.83 19.82 7.70
C GLY A 160 8.33 19.79 7.55
N SER A 161 9.04 19.81 8.67
CA SER A 161 10.49 19.85 8.65
C SER A 161 11.06 18.45 8.50
N VAL A 162 12.35 18.38 8.18
CA VAL A 162 13.04 17.11 8.06
C VAL A 162 13.65 16.70 9.39
N ASN A 163 13.44 15.45 9.78
CA ASN A 163 14.04 14.93 11.00
C ASN A 163 15.54 15.21 11.00
N PRO A 164 16.02 15.99 11.99
CA PRO A 164 17.44 16.32 12.07
C PRO A 164 18.32 15.07 12.15
N LYS A 165 17.71 13.95 12.52
CA LYS A 165 18.40 12.66 12.59
C LYS A 165 19.04 12.25 11.25
N VAL A 166 18.55 12.80 10.14
CA VAL A 166 19.11 12.49 8.84
C VAL A 166 20.57 12.91 8.74
N LYS A 167 20.93 13.94 9.48
CA LYS A 167 22.30 14.44 9.45
C LYS A 167 23.25 13.46 10.14
N THR A 168 22.69 12.44 10.76
CA THR A 168 23.49 11.48 11.52
C THR A 168 23.74 10.19 10.75
N MET A 169 23.05 10.03 9.63
CA MET A 169 23.09 8.77 8.89
C MET A 169 22.99 9.04 7.39
N ALA A 170 24.10 8.85 6.68
CA ALA A 170 24.19 9.24 5.28
C ALA A 170 23.08 8.60 4.43
N GLN A 171 22.77 7.34 4.71
CA GLN A 171 21.74 6.64 3.94
C GLN A 171 20.34 7.25 4.11
N ALA A 172 20.02 7.67 5.33
CA ALA A 172 18.76 8.34 5.59
C ALA A 172 18.68 9.65 4.84
N GLN A 173 19.73 10.46 4.93
CA GLN A 173 19.76 11.73 4.22
C GLN A 173 19.66 11.51 2.71
N ASP A 174 20.34 10.48 2.22
CA ASP A 174 20.35 10.19 0.79
C ASP A 174 18.94 9.88 0.26
N CYS A 175 18.06 9.41 1.14
CA CYS A 175 16.65 9.16 0.78
C CYS A 175 15.96 10.42 0.29
N LEU A 176 16.46 11.56 0.70
CA LEU A 176 15.81 12.83 0.40
C LEU A 176 16.40 13.51 -0.83
N LEU A 177 17.38 12.89 -1.45
CA LEU A 177 18.01 13.46 -2.63
C LEU A 177 17.01 13.60 -3.76
N PRO A 178 17.06 14.71 -4.48
CA PRO A 178 16.22 14.79 -5.69
C PRO A 178 16.54 13.63 -6.63
N MET A 179 15.53 13.05 -7.27
CA MET A 179 15.78 11.91 -8.15
C MET A 179 16.78 12.26 -9.24
N GLY A 180 16.72 13.49 -9.73
CA GLY A 180 17.63 13.91 -10.77
C GLY A 180 19.09 13.88 -10.35
N ILE A 181 19.33 14.14 -9.06
CA ILE A 181 20.67 14.05 -8.54
C ILE A 181 21.14 12.59 -8.53
N THR A 182 20.26 11.67 -8.18
CA THR A 182 20.63 10.25 -8.21
C THR A 182 20.97 9.84 -9.65
N SER A 183 20.34 10.50 -10.62
CA SER A 183 20.61 10.24 -12.03
C SER A 183 22.05 10.64 -12.39
N GLU A 184 22.43 11.85 -11.99
CA GLU A 184 23.78 12.36 -12.22
C GLU A 184 24.80 11.45 -11.55
N ASN A 185 24.46 10.96 -10.36
CA ASN A 185 25.34 10.05 -9.62
C ASN A 185 25.61 8.77 -10.40
N VAL A 186 24.55 8.21 -10.99
CA VAL A 186 24.70 7.02 -11.81
C VAL A 186 25.52 7.30 -13.06
N ALA A 187 25.26 8.43 -13.73
CA ALA A 187 25.95 8.74 -14.97
C ALA A 187 27.45 8.93 -14.70
N GLN A 188 27.78 9.60 -13.60
N GLN A 188 27.78 9.60 -13.60
CA GLN A 188 29.19 9.81 -13.27
CA GLN A 188 29.18 9.82 -13.24
C GLN A 188 29.89 8.52 -12.85
C GLN A 188 29.89 8.53 -12.83
N LYS A 189 29.30 7.81 -11.89
CA LYS A 189 29.90 6.58 -11.38
C LYS A 189 30.15 5.55 -12.47
N PHE A 190 29.23 5.43 -13.42
CA PHE A 190 29.31 4.35 -14.39
C PHE A 190 29.69 4.83 -15.80
N SER A 191 30.09 6.10 -15.90
CA SER A 191 30.57 6.68 -17.15
C SER A 191 29.56 6.53 -18.30
N ILE A 192 28.32 6.91 -18.04
CA ILE A 192 27.30 6.94 -19.09
C ILE A 192 27.37 8.33 -19.71
N THR A 193 27.72 8.40 -20.99
CA THR A 193 27.96 9.70 -21.61
C THR A 193 26.66 10.44 -21.90
N ARG A 194 26.79 11.76 -22.01
CA ARG A 194 25.69 12.63 -22.42
C ARG A 194 25.12 12.18 -23.76
N GLN A 195 26.00 11.84 -24.71
CA GLN A 195 25.52 11.40 -26.02
C GLN A 195 24.71 10.11 -25.92
N GLU A 196 25.18 9.18 -25.10
CA GLU A 196 24.53 7.89 -24.91
C GLU A 196 23.12 8.10 -24.38
N GLN A 197 23.00 9.04 -23.44
CA GLN A 197 21.72 9.35 -22.83
C GLN A 197 20.77 10.00 -23.83
N ASP A 198 21.30 10.97 -24.59
CA ASP A 198 20.47 11.66 -25.56
C ASP A 198 19.98 10.68 -26.62
N GLN A 199 20.84 9.78 -27.08
N GLN A 199 20.86 9.78 -27.04
CA GLN A 199 20.45 8.82 -28.10
CA GLN A 199 20.52 8.79 -28.07
C GLN A 199 19.31 7.93 -27.60
C GLN A 199 19.40 7.85 -27.62
N ALA A 200 19.39 7.51 -26.34
CA ALA A 200 18.33 6.69 -25.75
C ALA A 200 16.98 7.41 -25.82
N ALA A 201 16.98 8.71 -25.55
CA ALA A 201 15.75 9.51 -25.64
C ALA A 201 15.23 9.55 -27.08
N VAL A 202 16.14 9.74 -28.02
CA VAL A 202 15.74 9.79 -29.42
C VAL A 202 15.05 8.48 -29.77
N GLY A 203 15.66 7.37 -29.35
CA GLY A 203 15.10 6.05 -29.62
C GLY A 203 13.73 5.85 -29.01
N SER A 204 13.54 6.36 -27.80
CA SER A 204 12.26 6.18 -27.12
C SER A 204 11.13 6.91 -27.86
N HIS A 205 11.40 8.13 -28.31
CA HIS A 205 10.40 8.85 -29.10
C HIS A 205 10.12 8.16 -30.44
N ARG A 206 11.14 7.66 -31.12
CA ARG A 206 10.90 7.01 -32.40
C ARG A 206 10.12 5.72 -32.19
N LYS A 207 10.49 4.97 -31.17
CA LYS A 207 9.83 3.67 -30.93
C LYS A 207 8.40 3.81 -30.46
N THR A 208 8.11 4.80 -29.62
CA THR A 208 6.74 5.01 -29.19
C THR A 208 5.87 5.54 -30.35
N ALA A 209 6.42 6.46 -31.13
CA ALA A 209 5.72 6.96 -32.32
C ALA A 209 5.42 5.83 -33.31
N ALA A 210 6.42 5.01 -33.61
CA ALA A 210 6.24 3.86 -34.49
C ALA A 210 5.18 2.90 -33.96
N ALA A 211 5.26 2.57 -32.68
CA ALA A 211 4.29 1.66 -32.11
C ALA A 211 2.87 2.22 -32.20
N THR A 212 2.73 3.52 -31.94
CA THR A 212 1.40 4.15 -31.99
C THR A 212 0.85 4.05 -33.44
N ALA A 213 1.66 4.44 -34.40
CA ALA A 213 1.25 4.40 -35.82
C ALA A 213 0.98 2.98 -36.34
N ALA A 214 1.74 2.00 -35.86
CA ALA A 214 1.56 0.61 -36.28
C ALA A 214 0.36 -0.08 -35.62
N GLY A 215 -0.27 0.58 -34.67
CA GLY A 215 -1.39 -0.01 -33.94
C GLY A 215 -0.98 -0.95 -32.83
N ARG A 216 0.29 -0.91 -32.42
CA ARG A 216 0.78 -1.81 -31.37
C ARG A 216 0.31 -1.45 -29.96
N PHE A 217 -0.28 -0.28 -29.80
CA PHE A 217 -0.88 0.08 -28.51
C PHE A 217 -2.39 -0.05 -28.55
N LYS A 218 -2.97 -0.35 -29.71
CA LYS A 218 -4.43 -0.33 -29.81
C LYS A 218 -5.13 -1.33 -28.87
N ASP A 219 -4.56 -2.51 -28.71
CA ASP A 219 -5.22 -3.53 -27.89
C ASP A 219 -5.21 -3.16 -26.40
N GLU A 220 -4.08 -2.63 -25.94
CA GLU A 220 -3.92 -2.34 -24.52
C GLU A 220 -4.62 -1.07 -24.04
N ILE A 221 -4.79 -0.10 -24.93
CA ILE A 221 -5.35 1.19 -24.51
C ILE A 221 -6.86 1.21 -24.49
N ILE A 222 -7.42 1.66 -23.37
CA ILE A 222 -8.83 1.95 -23.23
C ILE A 222 -9.02 3.46 -23.37
N PRO A 223 -9.75 3.89 -24.40
CA PRO A 223 -9.93 5.34 -24.53
C PRO A 223 -10.67 5.92 -23.35
N ILE A 224 -10.35 7.17 -23.02
CA ILE A 224 -11.02 7.88 -21.94
C ILE A 224 -11.91 8.98 -22.51
N LYS A 225 -13.21 8.85 -22.29
CA LYS A 225 -14.15 9.89 -22.72
C LYS A 225 -14.29 10.92 -21.61
N THR A 226 -13.76 12.11 -21.86
CA THR A 226 -13.69 13.13 -20.83
C THR A 226 -13.87 14.52 -21.45
N LYS A 227 -13.20 15.53 -20.90
CA LYS A 227 -13.36 16.89 -21.41
C LYS A 227 -12.10 17.73 -21.22
N ILE A 228 -11.98 18.76 -22.05
CA ILE A 228 -10.90 19.73 -21.94
C ILE A 228 -11.48 21.09 -21.57
N VAL A 229 -10.95 21.72 -20.53
CA VAL A 229 -11.43 23.01 -20.09
C VAL A 229 -10.42 24.12 -20.41
N ASP A 230 -10.88 25.17 -21.08
CA ASP A 230 -10.05 26.33 -21.39
C ASP A 230 -9.79 27.12 -20.11
N PRO A 231 -8.51 27.20 -19.69
CA PRO A 231 -8.17 27.87 -18.43
C PRO A 231 -8.62 29.33 -18.41
N LYS A 232 -8.63 29.96 -19.58
CA LYS A 232 -8.95 31.38 -19.70
C LYS A 232 -10.45 31.62 -19.65
N THR A 233 -11.17 31.02 -20.58
CA THR A 233 -12.60 31.27 -20.73
C THR A 233 -13.46 30.37 -19.85
N GLY A 234 -12.98 29.15 -19.63
CA GLY A 234 -13.73 28.17 -18.87
C GLY A 234 -14.63 27.34 -19.77
N ASP A 235 -14.56 27.63 -21.08
CA ASP A 235 -15.29 26.85 -22.08
C ASP A 235 -14.88 25.38 -22.00
N GLU A 236 -15.87 24.49 -22.09
CA GLU A 236 -15.61 23.06 -22.00
C GLU A 236 -15.88 22.37 -23.33
N LYS A 237 -14.97 21.49 -23.72
CA LYS A 237 -15.12 20.73 -24.95
C LYS A 237 -14.97 19.25 -24.60
N PRO A 238 -15.89 18.41 -25.10
CA PRO A 238 -15.79 16.96 -24.92
C PRO A 238 -14.70 16.40 -25.82
N VAL A 239 -13.89 15.50 -25.27
CA VAL A 239 -12.84 14.87 -26.06
C VAL A 239 -12.78 13.40 -25.69
N THR A 240 -12.32 12.59 -26.62
CA THR A 240 -11.92 11.21 -26.32
C THR A 240 -10.42 11.10 -26.51
N ILE A 241 -9.73 10.74 -25.44
CA ILE A 241 -8.29 10.57 -25.49
C ILE A 241 -8.02 9.11 -25.80
N SER A 242 -7.21 8.86 -26.82
N SER A 242 -7.22 8.85 -26.83
CA SER A 242 -6.98 7.49 -27.28
CA SER A 242 -6.97 7.47 -27.25
C SER A 242 -5.51 7.18 -27.53
C SER A 242 -5.51 7.18 -27.56
N VAL A 243 -4.68 8.21 -27.57
CA VAL A 243 -3.26 8.02 -27.83
C VAL A 243 -2.45 8.78 -26.79
N ASP A 244 -1.23 8.29 -26.54
CA ASP A 244 -0.31 8.90 -25.58
C ASP A 244 0.20 10.20 -26.18
N ASP A 245 0.06 11.30 -25.44
CA ASP A 245 0.28 12.60 -26.06
C ASP A 245 1.63 13.26 -25.76
N GLY A 246 2.50 12.56 -25.03
CA GLY A 246 3.82 13.10 -24.74
C GLY A 246 4.83 12.86 -25.85
N ILE A 247 4.48 12.03 -26.82
CA ILE A 247 5.41 11.60 -27.85
C ILE A 247 5.81 12.75 -28.78
N ARG A 248 7.10 12.86 -29.09
CA ARG A 248 7.59 13.87 -30.05
C ARG A 248 8.48 13.21 -31.09
N PRO A 249 7.88 12.69 -32.17
CA PRO A 249 8.55 11.78 -33.09
C PRO A 249 9.83 12.36 -33.72
N GLY A 250 9.90 13.68 -33.86
CA GLY A 250 11.05 14.30 -34.49
C GLY A 250 12.21 14.61 -33.57
N THR A 251 12.10 14.24 -32.29
CA THR A 251 13.18 14.52 -31.34
C THR A 251 14.53 14.06 -31.89
N SER A 252 15.48 14.99 -31.94
CA SER A 252 16.80 14.73 -32.52
C SER A 252 17.91 14.93 -31.50
N LEU A 253 19.08 14.37 -31.78
CA LEU A 253 20.27 14.61 -30.95
C LEU A 253 20.56 16.10 -30.85
N ALA A 254 20.39 16.82 -31.96
CA ALA A 254 20.67 18.25 -31.98
C ALA A 254 19.77 19.01 -31.02
N ASP A 255 18.48 18.66 -31.03
CA ASP A 255 17.53 19.24 -30.09
C ASP A 255 17.98 18.98 -28.66
N LEU A 256 18.33 17.72 -28.38
CA LEU A 256 18.62 17.29 -27.01
C LEU A 256 19.95 17.84 -26.49
N ALA A 257 20.91 18.03 -27.38
CA ALA A 257 22.22 18.54 -27.00
C ALA A 257 22.17 19.99 -26.52
N LYS A 258 21.09 20.70 -26.84
CA LYS A 258 20.96 22.09 -26.43
C LYS A 258 20.33 22.25 -25.05
N LEU A 259 19.76 21.16 -24.53
CA LEU A 259 19.10 21.24 -23.23
C LEU A 259 20.14 21.38 -22.10
N LYS A 260 19.78 22.11 -21.06
CA LYS A 260 20.69 22.29 -19.94
C LYS A 260 20.39 21.29 -18.84
N PRO A 261 21.44 20.87 -18.12
CA PRO A 261 21.24 20.01 -16.95
C PRO A 261 20.42 20.78 -15.92
N VAL A 262 19.52 20.10 -15.22
CA VAL A 262 18.60 20.80 -14.34
C VAL A 262 19.00 20.74 -12.86
N PHE A 263 19.85 19.80 -12.50
CA PHE A 263 20.14 19.58 -11.09
C PHE A 263 21.59 19.89 -10.74
N ARG A 264 22.47 19.80 -11.72
CA ARG A 264 23.89 20.11 -11.53
C ARG A 264 24.47 20.76 -12.79
N LYS A 265 25.03 21.96 -12.64
CA LYS A 265 25.48 22.74 -13.79
C LYS A 265 26.41 21.98 -14.75
N ASP A 266 27.23 21.10 -14.20
CA ASP A 266 28.21 20.35 -15.00
C ASP A 266 27.74 18.92 -15.28
N GLY A 267 26.45 18.66 -15.08
CA GLY A 267 25.93 17.31 -15.21
C GLY A 267 25.50 16.97 -16.63
N SER A 268 24.75 15.88 -16.76
CA SER A 268 24.35 15.40 -18.09
C SER A 268 22.88 14.99 -18.14
N THR A 269 22.19 15.08 -17.02
CA THR A 269 20.76 14.74 -16.99
C THR A 269 19.95 15.98 -17.35
N THR A 270 19.07 15.87 -18.34
CA THR A 270 18.21 16.98 -18.73
C THR A 270 16.74 16.55 -18.70
N ALA A 271 15.83 17.50 -18.90
CA ALA A 271 14.42 17.16 -18.99
C ALA A 271 14.17 16.13 -20.11
N GLY A 272 14.97 16.25 -21.17
CA GLY A 272 14.82 15.41 -22.35
C GLY A 272 15.29 13.98 -22.13
N THR A 273 16.08 13.76 -21.08
CA THR A 273 16.54 12.42 -20.76
C THR A 273 16.06 11.99 -19.37
N SER A 274 14.92 12.55 -18.97
CA SER A 274 14.22 12.11 -17.75
C SER A 274 12.82 11.69 -18.18
N SER A 275 12.15 10.88 -17.36
CA SER A 275 10.77 10.51 -17.68
C SER A 275 9.90 11.77 -17.70
N GLN A 276 8.81 11.76 -18.47
CA GLN A 276 7.87 12.85 -18.42
C GLN A 276 6.95 12.69 -17.21
N VAL A 277 6.46 13.81 -16.71
N VAL A 277 6.48 13.81 -16.67
CA VAL A 277 5.45 13.84 -15.66
CA VAL A 277 5.46 13.77 -15.62
C VAL A 277 4.08 13.67 -16.31
C VAL A 277 4.10 13.66 -16.30
N SER A 278 3.28 12.73 -15.82
CA SER A 278 2.11 12.29 -16.59
C SER A 278 0.94 11.83 -15.73
N ASP A 279 -0.21 11.68 -16.41
CA ASP A 279 -1.44 11.15 -15.81
C ASP A 279 -1.79 9.83 -16.51
N GLY A 280 -2.31 8.85 -15.77
CA GLY A 280 -2.70 7.60 -16.39
C GLY A 280 -3.01 6.50 -15.41
N ALA A 281 -3.44 5.35 -15.94
CA ALA A 281 -3.81 4.21 -15.11
C ALA A 281 -3.55 2.91 -15.85
N GLY A 282 -3.43 1.82 -15.10
CA GLY A 282 -3.26 0.49 -15.69
C GLY A 282 -3.97 -0.49 -14.77
N ALA A 283 -4.43 -1.62 -15.31
CA ALA A 283 -5.13 -2.59 -14.48
C ALA A 283 -5.03 -3.98 -15.08
N VAL A 284 -4.88 -4.97 -14.22
CA VAL A 284 -4.60 -6.34 -14.63
C VAL A 284 -5.55 -7.24 -13.87
N LEU A 285 -6.20 -8.17 -14.59
CA LEU A 285 -7.12 -9.12 -13.96
C LEU A 285 -6.42 -10.48 -13.85
N LEU A 286 -6.25 -10.94 -12.62
CA LEU A 286 -5.50 -12.18 -12.33
C LEU A 286 -6.41 -13.22 -11.67
N MET A 287 -6.10 -14.50 -11.91
CA MET A 287 -6.84 -15.57 -11.26
C MET A 287 -6.05 -16.89 -11.34
N LYS A 288 -6.47 -17.87 -10.55
CA LYS A 288 -5.91 -19.22 -10.68
C LYS A 288 -6.13 -19.73 -12.09
N ARG A 289 -5.14 -20.43 -12.63
CA ARG A 289 -5.23 -21.01 -13.95
C ARG A 289 -6.50 -21.86 -14.04
N SER A 290 -6.76 -22.63 -12.98
CA SER A 290 -7.92 -23.52 -12.98
C SER A 290 -9.23 -22.76 -13.17
N ILE A 291 -9.31 -21.56 -12.61
CA ILE A 291 -10.52 -20.74 -12.72
C ILE A 291 -10.66 -20.19 -14.14
N ALA A 292 -9.56 -19.76 -14.75
CA ALA A 292 -9.61 -19.31 -16.14
C ALA A 292 -10.03 -20.46 -17.06
N LEU A 293 -9.46 -21.65 -16.84
CA LEU A 293 -9.81 -22.80 -17.65
C LEU A 293 -11.28 -23.14 -17.49
N GLN A 294 -11.76 -23.10 -16.25
CA GLN A 294 -13.16 -23.37 -15.96
C GLN A 294 -14.09 -22.43 -16.70
N LYS A 295 -13.65 -21.19 -16.86
CA LYS A 295 -14.48 -20.18 -17.49
C LYS A 295 -14.29 -20.14 -19.00
N GLY A 296 -13.31 -20.88 -19.50
CA GLY A 296 -12.98 -20.84 -20.92
C GLY A 296 -12.36 -19.52 -21.34
N LEU A 297 -11.69 -18.85 -20.40
CA LEU A 297 -11.03 -17.58 -20.69
C LEU A 297 -9.64 -17.82 -21.27
N PRO A 298 -9.31 -17.13 -22.37
CA PRO A 298 -7.97 -17.25 -22.93
C PRO A 298 -6.98 -16.61 -21.98
N ILE A 299 -5.80 -17.20 -21.83
CA ILE A 299 -4.79 -16.70 -20.90
C ILE A 299 -3.81 -15.78 -21.64
N LEU A 300 -3.75 -14.53 -21.19
CA LEU A 300 -2.88 -13.56 -21.81
C LEU A 300 -1.45 -13.75 -21.33
N GLY A 301 -1.27 -14.10 -20.07
CA GLY A 301 0.07 -14.31 -19.55
C GLY A 301 0.07 -15.07 -18.25
N VAL A 302 1.24 -15.51 -17.81
CA VAL A 302 1.36 -16.22 -16.54
C VAL A 302 2.36 -15.52 -15.65
N PHE A 303 1.95 -15.24 -14.42
CA PHE A 303 2.87 -14.67 -13.44
C PHE A 303 3.83 -15.76 -12.96
N ARG A 304 5.13 -15.49 -13.01
CA ARG A 304 6.09 -16.44 -12.47
C ARG A 304 6.69 -16.00 -11.13
N THR A 305 7.41 -14.88 -11.13
CA THR A 305 8.12 -14.45 -9.92
C THR A 305 8.14 -12.93 -9.78
N PHE A 306 8.42 -12.48 -8.56
CA PHE A 306 8.55 -11.06 -8.27
C PHE A 306 9.68 -10.86 -7.26
N ALA A 307 10.49 -9.83 -7.48
CA ALA A 307 11.54 -9.46 -6.53
C ALA A 307 11.47 -7.96 -6.25
N ALA A 308 11.61 -7.59 -4.98
CA ALA A 308 11.80 -6.18 -4.62
C ALA A 308 13.00 -6.13 -3.70
N VAL A 309 13.98 -5.32 -4.06
CA VAL A 309 15.26 -5.30 -3.33
C VAL A 309 15.67 -3.88 -3.01
N GLY A 310 16.51 -3.73 -1.99
CA GLY A 310 17.08 -2.44 -1.66
C GLY A 310 18.45 -2.22 -2.29
N VAL A 311 18.70 -0.98 -2.70
CA VAL A 311 20.00 -0.56 -3.23
C VAL A 311 20.37 0.77 -2.57
N PRO A 312 21.57 1.29 -2.84
CA PRO A 312 21.93 2.59 -2.23
C PRO A 312 21.02 3.72 -2.74
N PRO A 313 20.42 4.49 -1.83
CA PRO A 313 19.49 5.55 -2.25
C PRO A 313 20.13 6.56 -3.18
N SER A 314 21.43 6.84 -3.01
CA SER A 314 22.06 7.87 -3.82
C SER A 314 22.22 7.46 -5.29
N ILE A 315 22.17 6.15 -5.57
CA ILE A 315 22.17 5.67 -6.95
C ILE A 315 21.00 4.73 -7.20
N MET A 316 19.81 5.16 -6.79
CA MET A 316 18.62 4.31 -6.84
C MET A 316 18.37 3.73 -8.22
N GLY A 317 18.88 4.42 -9.24
CA GLY A 317 18.66 4.03 -10.62
C GLY A 317 19.17 2.62 -10.95
N ILE A 318 20.05 2.07 -10.10
CA ILE A 318 20.59 0.73 -10.37
C ILE A 318 19.60 -0.38 -10.02
N GLY A 319 18.44 0.01 -9.49
CA GLY A 319 17.45 -0.96 -9.04
C GLY A 319 17.28 -2.20 -9.92
N PRO A 320 16.96 -2.01 -11.20
CA PRO A 320 16.75 -3.16 -12.09
C PRO A 320 17.98 -4.05 -12.22
N ALA A 321 19.18 -3.46 -12.16
CA ALA A 321 20.43 -4.25 -12.22
C ALA A 321 20.53 -5.25 -11.09
N VAL A 322 19.80 -4.99 -10.00
CA VAL A 322 19.81 -5.91 -8.87
C VAL A 322 18.55 -6.76 -8.83
N ALA A 323 17.40 -6.14 -9.09
CA ALA A 323 16.13 -6.86 -9.01
C ALA A 323 15.94 -7.91 -10.12
N ILE A 324 16.39 -7.60 -11.33
CA ILE A 324 16.19 -8.53 -12.44
C ILE A 324 16.89 -9.87 -12.22
N PRO A 325 18.18 -9.86 -11.86
CA PRO A 325 18.82 -11.15 -11.56
C PRO A 325 18.11 -11.93 -10.45
N ALA A 326 17.59 -11.23 -9.45
CA ALA A 326 16.88 -11.90 -8.35
C ALA A 326 15.58 -12.56 -8.82
N ALA A 327 14.79 -11.86 -9.63
CA ALA A 327 13.55 -12.42 -10.15
C ALA A 327 13.82 -13.54 -11.15
N VAL A 328 14.85 -13.36 -11.97
CA VAL A 328 15.16 -14.36 -12.96
C VAL A 328 15.66 -15.63 -12.27
N LYS A 329 16.58 -15.47 -11.33
CA LYS A 329 17.04 -16.59 -10.52
C LYS A 329 15.89 -17.34 -9.86
N ALA A 330 14.98 -16.60 -9.22
CA ALA A 330 13.86 -17.22 -8.54
C ALA A 330 12.97 -18.00 -9.49
N ALA A 331 13.01 -17.62 -10.76
CA ALA A 331 12.18 -18.27 -11.79
C ALA A 331 12.90 -19.48 -12.40
N GLY A 332 14.12 -19.74 -11.95
CA GLY A 332 14.93 -20.82 -12.51
C GLY A 332 15.46 -20.55 -13.91
N LEU A 333 15.59 -19.28 -14.27
CA LEU A 333 16.03 -18.89 -15.60
C LEU A 333 17.34 -18.14 -15.51
N GLN A 334 17.92 -17.84 -16.67
CA GLN A 334 19.07 -16.94 -16.76
C GLN A 334 18.61 -15.73 -17.56
N ILE A 335 19.37 -14.64 -17.53
CA ILE A 335 18.96 -13.41 -18.21
C ILE A 335 18.75 -13.62 -19.71
N ASP A 336 19.59 -14.46 -20.32
CA ASP A 336 19.44 -14.76 -21.75
C ASP A 336 18.13 -15.49 -22.08
N ASP A 337 17.48 -16.07 -21.08
CA ASP A 337 16.20 -16.73 -21.32
C ASP A 337 15.07 -15.74 -21.49
N ILE A 338 15.29 -14.49 -21.12
CA ILE A 338 14.23 -13.49 -21.23
C ILE A 338 14.20 -12.86 -22.62
N ASP A 339 13.03 -12.90 -23.25
CA ASP A 339 12.85 -12.41 -24.61
C ASP A 339 12.51 -10.93 -24.74
N LEU A 340 11.75 -10.39 -23.78
CA LEU A 340 11.34 -8.99 -23.81
C LEU A 340 11.41 -8.38 -22.43
N PHE A 341 11.84 -7.13 -22.37
CA PHE A 341 11.94 -6.39 -21.11
C PHE A 341 11.17 -5.08 -21.22
N GLU A 342 10.39 -4.75 -20.19
CA GLU A 342 9.91 -3.39 -19.99
C GLU A 342 10.68 -2.85 -18.79
N ILE A 343 11.72 -2.06 -19.05
CA ILE A 343 12.49 -1.46 -17.96
C ILE A 343 12.18 0.04 -17.97
N ASN A 344 11.61 0.55 -16.88
CA ASN A 344 11.15 1.93 -16.89
C ASN A 344 12.28 2.92 -17.19
N GLU A 345 11.98 3.88 -18.05
CA GLU A 345 12.93 4.92 -18.42
C GLU A 345 12.81 6.10 -17.45
N ALA A 346 13.18 5.89 -16.19
CA ALA A 346 13.17 6.98 -15.22
C ALA A 346 14.15 8.08 -15.67
N PHE A 347 15.38 7.65 -15.97
CA PHE A 347 16.41 8.54 -16.53
C PHE A 347 17.24 7.78 -17.55
N ALA A 348 17.65 8.43 -18.64
CA ALA A 348 18.46 7.72 -19.63
C ALA A 348 19.73 7.14 -19.00
N SER A 349 20.31 7.89 -18.07
CA SER A 349 21.51 7.43 -17.37
C SER A 349 21.35 6.01 -16.82
N GLN A 350 20.35 5.81 -15.98
CA GLN A 350 20.20 4.52 -15.30
C GLN A 350 19.60 3.48 -16.25
N PHE A 351 18.76 3.93 -17.19
CA PHE A 351 18.17 3.03 -18.17
C PHE A 351 19.30 2.41 -19.00
N VAL A 352 20.21 3.25 -19.47
CA VAL A 352 21.33 2.76 -20.28
C VAL A 352 22.23 1.89 -19.42
N TYR A 353 22.51 2.34 -18.20
CA TYR A 353 23.39 1.57 -17.33
C TYR A 353 22.87 0.16 -17.10
N CYS A 354 21.58 0.04 -16.80
CA CYS A 354 21.00 -1.26 -16.51
C CYS A 354 21.13 -2.21 -17.70
N GLN A 355 20.90 -1.67 -18.90
CA GLN A 355 21.04 -2.47 -20.12
C GLN A 355 22.48 -3.01 -20.26
N LYS A 356 23.45 -2.12 -20.09
CA LYS A 356 24.86 -2.51 -20.20
C LYS A 356 25.28 -3.47 -19.09
N LYS A 357 24.89 -3.17 -17.87
CA LYS A 357 25.29 -3.98 -16.71
C LYS A 357 24.77 -5.41 -16.81
N LEU A 358 23.52 -5.56 -17.22
CA LEU A 358 22.91 -6.89 -17.35
C LEU A 358 23.26 -7.58 -18.67
N GLU A 359 23.91 -6.83 -19.56
CA GLU A 359 24.37 -7.38 -20.84
C GLU A 359 23.20 -7.85 -21.68
N ILE A 360 22.14 -7.06 -21.68
CA ILE A 360 20.95 -7.34 -22.48
C ILE A 360 21.06 -6.65 -23.83
N ASP A 361 20.74 -7.37 -24.90
CA ASP A 361 20.58 -6.75 -26.22
C ASP A 361 19.55 -5.63 -26.13
N PRO A 362 19.91 -4.39 -26.51
CA PRO A 362 18.97 -3.27 -26.44
C PRO A 362 17.72 -3.47 -27.29
N GLN A 363 17.80 -4.36 -28.29
N GLN A 363 17.81 -4.37 -28.28
CA GLN A 363 16.64 -4.64 -29.14
CA GLN A 363 16.66 -4.68 -29.14
C GLN A 363 15.55 -5.44 -28.42
C GLN A 363 15.54 -5.39 -28.39
N LYS A 364 15.85 -5.89 -27.20
CA LYS A 364 14.89 -6.65 -26.42
C LYS A 364 14.19 -5.80 -25.36
N ILE A 365 14.62 -4.54 -25.24
CA ILE A 365 14.13 -3.67 -24.17
C ILE A 365 13.22 -2.56 -24.70
N ASN A 366 12.08 -2.37 -24.05
CA ASN A 366 11.14 -1.31 -24.41
C ASN A 366 10.97 -1.21 -25.93
N VAL A 367 10.52 -2.29 -26.55
CA VAL A 367 10.51 -2.33 -28.01
C VAL A 367 9.49 -1.38 -28.63
N ASN A 368 8.51 -0.98 -27.82
CA ASN A 368 7.55 0.04 -28.21
C ASN A 368 7.79 1.38 -27.52
N GLY A 369 9.01 1.58 -27.04
CA GLY A 369 9.40 2.85 -26.45
C GLY A 369 9.05 2.87 -24.97
N GLY A 370 9.32 3.99 -24.31
CA GLY A 370 9.09 4.06 -22.87
C GLY A 370 8.88 5.45 -22.32
N ALA A 371 9.09 5.59 -21.01
CA ALA A 371 8.64 6.75 -20.27
C ALA A 371 9.25 8.10 -20.67
N MET A 372 10.41 8.10 -21.31
CA MET A 372 10.97 9.37 -21.76
C MET A 372 10.05 9.99 -22.79
N ALA A 373 9.33 9.14 -23.54
CA ALA A 373 8.40 9.59 -24.58
C ALA A 373 6.92 9.51 -24.22
N ILE A 374 6.49 8.46 -23.52
N ILE A 374 6.57 8.46 -23.47
CA ILE A 374 5.07 8.41 -23.15
CA ILE A 374 5.19 8.15 -23.12
C ILE A 374 4.77 8.71 -21.70
C ILE A 374 4.81 8.69 -21.75
N GLY A 375 5.81 8.90 -20.90
CA GLY A 375 5.60 9.38 -19.54
C GLY A 375 5.57 8.32 -18.45
N HIS A 376 5.62 8.80 -17.21
CA HIS A 376 5.75 7.96 -16.03
C HIS A 376 4.81 8.50 -14.97
N PRO A 377 3.51 8.17 -15.11
CA PRO A 377 2.58 8.53 -14.02
C PRO A 377 2.87 7.53 -12.90
N LEU A 378 3.53 8.01 -11.84
CA LEU A 378 4.26 7.12 -10.94
C LEU A 378 3.60 5.76 -10.65
N GLY A 379 2.45 5.78 -10.01
CA GLY A 379 1.80 4.54 -9.57
C GLY A 379 1.26 3.68 -10.70
N ALA A 380 0.91 4.34 -11.80
CA ALA A 380 0.37 3.62 -12.96
C ALA A 380 1.43 2.80 -13.70
N THR A 381 2.66 3.31 -13.75
CA THR A 381 3.70 2.72 -14.61
C THR A 381 3.86 1.19 -14.48
N GLY A 382 4.03 0.69 -13.26
CA GLY A 382 4.29 -0.74 -13.11
C GLY A 382 3.12 -1.60 -13.59
N ALA A 383 1.90 -1.10 -13.45
CA ALA A 383 0.72 -1.83 -13.92
C ALA A 383 0.55 -1.70 -15.42
N ARG A 384 0.72 -0.49 -15.95
CA ARG A 384 0.52 -0.33 -17.39
C ARG A 384 1.60 -1.06 -18.19
N CYS A 385 2.79 -1.21 -17.61
CA CYS A 385 3.87 -1.94 -18.28
C CYS A 385 3.59 -3.43 -18.38
N VAL A 386 2.77 -3.95 -17.46
CA VAL A 386 2.35 -5.34 -17.56
C VAL A 386 1.47 -5.50 -18.82
N ALA A 387 0.57 -4.54 -19.05
CA ALA A 387 -0.25 -4.58 -20.27
C ALA A 387 0.63 -4.44 -21.52
N THR A 388 1.57 -3.50 -21.50
CA THR A 388 2.43 -3.24 -22.65
C THR A 388 3.24 -4.48 -22.98
N LEU A 389 3.83 -5.07 -21.94
CA LEU A 389 4.63 -6.28 -22.12
C LEU A 389 3.80 -7.43 -22.65
N LEU A 390 2.68 -7.73 -21.99
CA LEU A 390 1.92 -8.94 -22.34
C LEU A 390 1.29 -8.85 -23.72
N HIS A 391 0.77 -7.69 -24.07
CA HIS A 391 0.22 -7.55 -25.41
C HIS A 391 1.29 -7.65 -26.50
N GLU A 392 2.49 -7.11 -26.26
CA GLU A 392 3.57 -7.26 -27.24
C GLU A 392 4.08 -8.71 -27.31
N MET A 393 4.17 -9.38 -26.17
CA MET A 393 4.56 -10.80 -26.17
C MET A 393 3.59 -11.63 -27.00
N LYS A 394 2.29 -11.33 -26.85
CA LYS A 394 1.25 -12.04 -27.57
C LYS A 394 1.44 -11.83 -29.07
N ARG A 395 1.63 -10.56 -29.45
N ARG A 395 1.66 -10.58 -29.45
CA ARG A 395 1.80 -10.19 -30.85
CA ARG A 395 1.78 -10.20 -30.85
C ARG A 395 2.98 -10.91 -31.48
C ARG A 395 3.01 -10.83 -31.51
N ARG A 396 4.06 -11.05 -30.72
CA ARG A 396 5.29 -11.64 -31.26
C ARG A 396 5.22 -13.16 -31.42
N GLY A 397 4.21 -13.78 -30.83
CA GLY A 397 3.99 -15.21 -31.02
C GLY A 397 4.76 -16.11 -30.07
N ARG A 398 4.62 -17.41 -30.28
CA ARG A 398 5.09 -18.44 -29.35
C ARG A 398 6.54 -18.36 -28.95
N ASP A 399 7.41 -17.91 -29.85
CA ASP A 399 8.83 -17.85 -29.57
C ASP A 399 9.14 -16.76 -28.53
N CYS A 400 8.20 -15.85 -28.31
CA CYS A 400 8.38 -14.82 -27.29
C CYS A 400 7.83 -15.34 -25.95
N ARG A 401 8.66 -16.08 -25.23
CA ARG A 401 8.15 -16.92 -24.15
C ARG A 401 8.19 -16.28 -22.76
N PHE A 402 9.26 -15.55 -22.47
CA PHE A 402 9.41 -14.92 -21.17
C PHE A 402 9.59 -13.41 -21.29
N GLY A 403 8.97 -12.67 -20.38
CA GLY A 403 9.13 -11.23 -20.34
C GLY A 403 9.35 -10.75 -18.91
N VAL A 404 9.93 -9.55 -18.77
CA VAL A 404 10.19 -8.96 -17.47
C VAL A 404 9.69 -7.51 -17.44
N VAL A 405 9.04 -7.13 -16.35
CA VAL A 405 8.78 -5.72 -16.06
C VAL A 405 9.71 -5.35 -14.89
N SER A 406 10.45 -4.25 -15.00
CA SER A 406 11.32 -3.86 -13.90
C SER A 406 11.48 -2.35 -13.85
N MET A 407 11.76 -1.81 -12.67
CA MET A 407 12.01 -0.37 -12.54
C MET A 407 12.88 -0.03 -11.33
N CYS A 408 13.62 1.09 -11.41
CA CYS A 408 14.26 1.67 -10.23
C CYS A 408 13.19 2.36 -9.41
N ILE A 409 13.50 2.62 -8.14
CA ILE A 409 12.50 3.09 -7.18
C ILE A 409 13.16 4.14 -6.30
N GLY A 410 12.54 5.32 -6.24
CA GLY A 410 13.04 6.38 -5.37
C GLY A 410 13.21 5.91 -3.94
N THR A 411 14.23 6.45 -3.28
CA THR A 411 14.68 6.06 -1.93
C THR A 411 15.58 4.81 -1.94
N GLY A 412 15.85 4.29 -3.13
CA GLY A 412 16.83 3.22 -3.31
C GLY A 412 16.27 1.80 -3.29
N MET A 413 15.44 1.46 -4.27
CA MET A 413 14.96 0.09 -4.39
C MET A 413 14.90 -0.30 -5.85
N GLY A 414 14.72 -1.59 -6.11
CA GLY A 414 14.44 -2.06 -7.45
C GLY A 414 13.37 -3.13 -7.34
N ALA A 415 12.59 -3.32 -8.39
CA ALA A 415 11.60 -4.39 -8.41
C ALA A 415 11.60 -4.99 -9.80
N ALA A 416 11.32 -6.29 -9.90
CA ALA A 416 11.23 -6.96 -11.19
C ALA A 416 10.26 -8.14 -11.08
N ALA A 417 9.47 -8.36 -12.13
CA ALA A 417 8.62 -9.54 -12.22
C ALA A 417 8.88 -10.25 -13.52
N VAL A 418 8.84 -11.58 -13.48
CA VAL A 418 9.00 -12.41 -14.65
C VAL A 418 7.62 -12.94 -15.01
N PHE A 419 7.23 -12.77 -16.28
CA PHE A 419 5.98 -13.34 -16.78
C PHE A 419 6.26 -14.33 -17.90
N GLU A 420 5.38 -15.31 -18.06
CA GLU A 420 5.49 -16.25 -19.17
C GLU A 420 4.34 -16.05 -20.14
N ARG A 421 4.59 -16.25 -21.43
N ARG A 421 4.60 -16.32 -21.42
CA ARG A 421 3.55 -15.99 -22.43
CA ARG A 421 3.60 -16.27 -22.48
C ARG A 421 2.36 -16.94 -22.23
C ARG A 421 2.30 -16.96 -22.07
N GLY A 422 1.18 -16.47 -22.60
CA GLY A 422 -0.08 -17.17 -22.36
C GLY A 422 -0.59 -18.02 -23.52
N ASP A 423 -1.90 -18.28 -23.49
CA ASP A 423 -2.65 -19.05 -24.51
C ASP A 423 -3.68 -19.98 -23.85
N VAL B 30 1.52 -28.58 13.15
CA VAL B 30 2.70 -27.77 12.95
C VAL B 30 3.43 -28.11 11.66
N PHE B 31 2.94 -27.60 10.53
N PHE B 31 2.94 -27.57 10.54
CA PHE B 31 3.62 -27.82 9.27
CA PHE B 31 3.56 -27.72 9.24
C PHE B 31 4.67 -26.74 9.01
C PHE B 31 4.72 -26.73 9.11
N GLY B 32 5.81 -27.16 8.48
CA GLY B 32 6.97 -26.31 8.33
C GLY B 32 6.72 -25.02 7.57
N ASP B 33 5.72 -25.03 6.71
CA ASP B 33 5.41 -23.90 5.84
C ASP B 33 4.47 -22.89 6.48
N ASP B 34 3.95 -23.21 7.67
CA ASP B 34 3.10 -22.29 8.41
C ASP B 34 3.79 -20.93 8.61
N VAL B 35 3.02 -19.86 8.57
CA VAL B 35 3.56 -18.55 8.88
C VAL B 35 3.42 -18.25 10.36
N VAL B 36 4.53 -18.13 11.07
CA VAL B 36 4.50 -17.86 12.50
C VAL B 36 5.00 -16.47 12.86
N ILE B 37 4.53 -15.96 13.99
CA ILE B 37 5.00 -14.70 14.53
C ILE B 37 6.01 -14.97 15.66
N VAL B 38 7.22 -14.42 15.54
CA VAL B 38 8.24 -14.59 16.58
C VAL B 38 8.47 -13.36 17.46
N ALA B 39 7.83 -12.25 17.11
CA ALA B 39 7.85 -11.06 17.95
C ALA B 39 6.76 -10.10 17.47
N ALA B 40 6.17 -9.38 18.41
CA ALA B 40 5.17 -8.38 18.07
C ALA B 40 5.14 -7.29 19.14
N TYR B 41 5.41 -6.05 18.73
CA TYR B 41 5.50 -4.95 19.67
C TYR B 41 4.74 -3.73 19.18
N ARG B 42 4.63 -2.74 20.06
CA ARG B 42 4.01 -1.46 19.71
C ARG B 42 4.63 -0.34 20.51
N SER B 43 4.47 0.89 20.03
CA SER B 43 4.80 2.06 20.83
C SER B 43 3.68 2.27 21.83
N PRO B 44 3.89 3.14 22.82
CA PRO B 44 2.71 3.63 23.54
C PRO B 44 1.84 4.36 22.53
N LEU B 45 0.53 4.39 22.75
CA LEU B 45 -0.35 5.21 21.93
C LEU B 45 -0.68 6.48 22.71
N CYS B 46 -0.52 7.63 22.06
CA CYS B 46 -0.72 8.92 22.72
C CYS B 46 -1.73 9.79 22.03
N LYS B 47 -2.36 10.67 22.80
CA LYS B 47 -3.34 11.61 22.27
C LYS B 47 -2.73 12.52 21.22
N ALA B 48 -3.38 12.62 20.07
CA ALA B 48 -2.91 13.52 19.03
C ALA B 48 -2.93 14.97 19.53
N LYS B 49 -1.95 15.75 19.09
CA LYS B 49 -1.93 17.20 19.33
C LYS B 49 -1.37 17.59 20.68
N ARG B 50 -1.82 16.89 21.72
CA ARG B 50 -1.50 17.25 23.10
C ARG B 50 -0.77 16.15 23.86
N GLY B 51 -0.69 14.95 23.28
CA GLY B 51 -0.12 13.79 23.94
C GLY B 51 1.40 13.73 23.90
N GLY B 52 1.97 12.66 24.44
CA GLY B 52 3.40 12.52 24.61
C GLY B 52 4.22 12.43 23.34
N LEU B 53 3.58 12.05 22.24
CA LEU B 53 4.28 11.90 20.97
C LEU B 53 4.06 13.09 20.03
N LYS B 54 3.51 14.18 20.55
CA LYS B 54 3.12 15.33 19.72
C LYS B 54 4.30 16.00 19.05
N ASP B 55 5.49 15.84 19.63
CA ASP B 55 6.68 16.46 19.05
C ASP B 55 7.63 15.44 18.49
N THR B 56 7.08 14.28 18.15
CA THR B 56 7.89 13.16 17.69
C THR B 56 7.68 12.90 16.18
N TYR B 57 8.77 12.92 15.41
CA TYR B 57 8.70 12.60 13.98
C TYR B 57 8.14 11.20 13.79
N PRO B 58 7.32 11.00 12.76
CA PRO B 58 6.72 9.68 12.53
C PRO B 58 7.77 8.59 12.47
N ASP B 59 8.91 8.85 11.83
CA ASP B 59 9.95 7.84 11.72
C ASP B 59 10.51 7.45 13.09
N ASP B 60 10.49 8.40 14.03
CA ASP B 60 10.96 8.15 15.40
C ASP B 60 9.97 7.36 16.27
N ILE B 61 8.70 7.34 15.88
CA ILE B 61 7.73 6.46 16.52
C ILE B 61 7.97 5.01 16.08
N LEU B 62 8.20 4.83 14.78
CA LEU B 62 8.28 3.49 14.22
C LEU B 62 9.62 2.80 14.44
N ALA B 63 10.72 3.56 14.36
CA ALA B 63 12.04 2.95 14.33
C ALA B 63 12.34 2.07 15.55
N PRO B 64 12.01 2.56 16.76
CA PRO B 64 12.30 1.72 17.94
C PRO B 64 11.49 0.44 17.97
N VAL B 65 10.28 0.49 17.42
CA VAL B 65 9.42 -0.66 17.39
C VAL B 65 9.98 -1.70 16.41
N LEU B 66 10.45 -1.24 15.26
CA LEU B 66 11.11 -2.15 14.30
C LEU B 66 12.35 -2.77 14.94
N LYS B 67 13.17 -1.93 15.57
CA LYS B 67 14.43 -2.40 16.11
C LYS B 67 14.20 -3.47 17.18
N ALA B 68 13.15 -3.32 17.96
CA ALA B 68 12.85 -4.23 19.05
C ALA B 68 12.62 -5.64 18.55
N LEU B 69 12.08 -5.77 17.35
CA LEU B 69 11.85 -7.07 16.75
C LEU B 69 13.16 -7.81 16.54
N ILE B 70 14.18 -7.08 16.10
CA ILE B 70 15.50 -7.63 15.84
C ILE B 70 16.22 -7.90 17.16
N GLU B 71 16.10 -7.00 18.11
CA GLU B 71 16.70 -7.15 19.44
C GLU B 71 16.19 -8.42 20.14
N LYS B 72 14.90 -8.68 20.01
CA LYS B 72 14.28 -9.84 20.65
C LYS B 72 14.71 -11.18 20.06
N THR B 73 14.91 -11.24 18.74
CA THR B 73 15.17 -12.50 18.05
C THR B 73 16.63 -12.68 17.65
N ASN B 74 17.37 -11.59 17.62
N ASN B 74 17.37 -11.59 17.63
CA ASN B 74 18.79 -11.58 17.26
CA ASN B 74 18.78 -11.60 17.24
C ASN B 74 19.12 -11.98 15.81
C ASN B 74 19.03 -12.23 15.87
N ILE B 75 18.11 -12.01 14.95
CA ILE B 75 18.34 -12.36 13.55
C ILE B 75 19.20 -11.28 12.91
N ASN B 76 19.92 -11.62 11.84
CA ASN B 76 20.56 -10.59 11.04
C ASN B 76 19.46 -9.82 10.31
N PRO B 77 19.42 -8.50 10.50
CA PRO B 77 18.34 -7.69 9.88
C PRO B 77 18.28 -7.84 8.36
N ALA B 78 19.42 -8.19 7.74
CA ALA B 78 19.49 -8.39 6.31
C ALA B 78 18.64 -9.57 5.83
N GLU B 79 18.25 -10.44 6.75
CA GLU B 79 17.43 -11.61 6.40
C GLU B 79 15.95 -11.26 6.18
N VAL B 80 15.57 -10.02 6.48
CA VAL B 80 14.18 -9.62 6.35
C VAL B 80 13.89 -9.29 4.89
N GLY B 81 12.83 -9.89 4.34
CA GLY B 81 12.55 -9.80 2.92
C GLY B 81 11.81 -8.54 2.47
N ASP B 82 11.03 -7.96 3.37
CA ASP B 82 10.29 -6.72 3.12
C ASP B 82 9.80 -6.21 4.46
N ILE B 83 9.65 -4.89 4.56
CA ILE B 83 8.99 -4.26 5.69
C ILE B 83 7.78 -3.53 5.13
N VAL B 84 6.59 -3.98 5.53
CA VAL B 84 5.34 -3.48 4.98
C VAL B 84 4.61 -2.71 6.08
N VAL B 85 4.38 -1.43 5.85
CA VAL B 85 3.85 -0.55 6.88
C VAL B 85 2.48 0.02 6.50
N GLY B 86 1.46 -0.37 7.25
CA GLY B 86 0.14 0.23 7.08
C GLY B 86 0.19 1.67 7.54
N SER B 87 -0.35 2.58 6.73
CA SER B 87 -0.37 3.99 7.12
C SER B 87 -1.38 4.72 6.25
N VAL B 88 -2.10 5.69 6.81
CA VAL B 88 -3.30 6.16 6.14
C VAL B 88 -3.29 7.62 5.70
N LEU B 89 -2.78 8.49 6.55
CA LEU B 89 -2.94 9.94 6.37
C LEU B 89 -1.73 10.65 5.76
N GLY B 90 -1.99 11.81 5.17
CA GLY B 90 -0.92 12.56 4.54
C GLY B 90 -0.43 11.96 3.24
N ALA B 91 0.55 12.61 2.61
CA ALA B 91 1.06 12.21 1.30
C ALA B 91 1.76 10.85 1.31
N GLY B 92 1.36 9.99 0.38
CA GLY B 92 1.92 8.65 0.26
C GLY B 92 3.43 8.63 0.12
N SER B 93 3.98 9.42 -0.79
CA SER B 93 5.41 9.36 -1.07
C SER B 93 6.25 9.70 0.15
N GLN B 94 5.86 10.78 0.85
CA GLN B 94 6.55 11.18 2.07
C GLN B 94 6.56 10.06 3.11
N ARG B 95 5.40 9.46 3.34
CA ARG B 95 5.31 8.45 4.39
C ARG B 95 6.14 7.22 4.04
N ALA B 96 6.15 6.83 2.76
CA ALA B 96 7.00 5.70 2.34
C ALA B 96 8.48 6.00 2.53
N SER B 97 8.87 7.24 2.30
N SER B 97 8.86 7.25 2.29
CA SER B 97 10.25 7.68 2.53
CA SER B 97 10.23 7.70 2.53
C SER B 97 10.56 7.67 4.02
C SER B 97 10.55 7.67 4.02
N GLU B 98 9.62 8.14 4.84
CA GLU B 98 9.80 8.12 6.28
C GLU B 98 9.98 6.68 6.77
N CYS B 99 9.26 5.75 6.16
CA CYS B 99 9.40 4.32 6.52
C CYS B 99 10.79 3.76 6.19
N ARG B 100 11.31 4.14 5.02
CA ARG B 100 12.68 3.78 4.64
C ARG B 100 13.68 4.36 5.65
N MET B 101 13.52 5.64 5.99
CA MET B 101 14.41 6.25 6.98
C MET B 101 14.26 5.56 8.34
N ALA B 102 13.04 5.26 8.76
CA ALA B 102 12.81 4.57 10.04
C ALA B 102 13.58 3.25 10.10
N ALA B 103 13.55 2.49 9.01
CA ALA B 103 14.27 1.22 8.97
C ALA B 103 15.78 1.43 9.08
N PHE B 104 16.28 2.48 8.45
CA PHE B 104 17.71 2.80 8.54
C PHE B 104 18.06 3.13 9.99
N TYR B 105 17.23 3.94 10.65
CA TYR B 105 17.43 4.25 12.06
C TYR B 105 17.38 3.00 12.95
N ALA B 106 16.58 2.02 12.55
CA ALA B 106 16.45 0.77 13.31
C ALA B 106 17.59 -0.21 13.06
N GLY B 107 18.50 0.15 12.16
CA GLY B 107 19.68 -0.67 11.88
C GLY B 107 19.52 -1.68 10.75
N PHE B 108 18.49 -1.52 9.94
CA PHE B 108 18.34 -2.39 8.77
C PHE B 108 19.28 -1.90 7.69
N PRO B 109 19.89 -2.84 6.94
CA PRO B 109 20.81 -2.42 5.88
C PRO B 109 20.05 -1.94 4.63
N GLU B 110 20.74 -1.24 3.73
CA GLU B 110 20.06 -0.70 2.54
C GLU B 110 19.43 -1.77 1.63
N THR B 111 19.87 -3.02 1.78
CA THR B 111 19.35 -4.11 0.97
C THR B 111 17.91 -4.52 1.33
N VAL B 112 17.45 -4.13 2.52
CA VAL B 112 16.08 -4.48 2.96
C VAL B 112 15.11 -3.41 2.48
N PRO B 113 14.13 -3.79 1.64
CA PRO B 113 13.22 -2.79 1.07
C PRO B 113 12.04 -2.52 2.00
N VAL B 114 11.30 -1.45 1.71
N VAL B 114 11.29 -1.46 1.69
CA VAL B 114 10.14 -1.07 2.49
CA VAL B 114 10.16 -1.06 2.50
C VAL B 114 9.02 -0.64 1.56
C VAL B 114 9.03 -0.56 1.60
N ARG B 115 7.78 -0.74 2.03
CA ARG B 115 6.65 -0.20 1.29
C ARG B 115 5.52 0.12 2.28
N THR B 116 4.51 0.86 1.83
CA THR B 116 3.33 1.08 2.66
C THR B 116 2.09 0.48 1.99
N VAL B 117 1.05 0.29 2.79
CA VAL B 117 -0.24 -0.17 2.28
C VAL B 117 -1.35 0.64 2.94
N ASN B 118 -2.45 0.85 2.23
CA ASN B 118 -3.56 1.65 2.75
C ASN B 118 -4.88 0.95 2.46
N ARG B 119 -5.49 0.37 3.49
CA ARG B 119 -6.91 0.03 3.42
C ARG B 119 -7.57 0.70 4.61
N GLN B 120 -7.35 2.01 4.71
CA GLN B 120 -7.91 2.85 5.75
C GLN B 120 -7.63 2.26 7.15
N CYS B 121 -8.67 2.19 7.97
CA CYS B 121 -8.55 1.75 9.37
C CYS B 121 -7.87 0.40 9.57
N SER B 122 -7.88 -0.46 8.56
CA SER B 122 -7.36 -1.82 8.69
C SER B 122 -5.92 -1.97 8.19
N SER B 123 -5.31 -0.86 7.77
CA SER B 123 -4.00 -0.90 7.11
C SER B 123 -2.92 -1.69 7.87
N GLY B 124 -2.86 -1.53 9.19
CA GLY B 124 -1.84 -2.22 9.96
C GLY B 124 -1.99 -3.73 9.94
N LEU B 125 -3.24 -4.20 9.89
CA LEU B 125 -3.46 -5.63 9.85
C LEU B 125 -3.23 -6.12 8.43
N GLN B 126 -3.63 -5.29 7.46
CA GLN B 126 -3.41 -5.64 6.06
C GLN B 126 -1.94 -5.90 5.81
N ALA B 127 -1.08 -5.09 6.44
CA ALA B 127 0.35 -5.24 6.30
C ALA B 127 0.83 -6.61 6.79
N VAL B 128 0.29 -7.02 7.93
CA VAL B 128 0.62 -8.35 8.46
C VAL B 128 0.16 -9.43 7.51
N ALA B 129 -1.05 -9.29 6.98
CA ALA B 129 -1.60 -10.24 6.04
C ALA B 129 -0.81 -10.28 4.71
N ASP B 130 -0.32 -9.12 4.27
CA ASP B 130 0.50 -9.07 3.05
C ASP B 130 1.83 -9.81 3.21
N VAL B 131 2.44 -9.71 4.39
CA VAL B 131 3.66 -10.42 4.65
C VAL B 131 3.36 -11.92 4.72
N ALA B 132 2.25 -12.28 5.37
CA ALA B 132 1.87 -13.69 5.46
C ALA B 132 1.65 -14.27 4.06
N ALA B 133 0.98 -13.50 3.21
CA ALA B 133 0.73 -13.97 1.85
C ALA B 133 2.04 -14.12 1.06
N ALA B 134 2.96 -13.16 1.18
CA ALA B 134 4.21 -13.20 0.45
C ALA B 134 5.05 -14.40 0.88
N ILE B 135 5.01 -14.73 2.17
CA ILE B 135 5.75 -15.89 2.63
C ILE B 135 5.14 -17.18 2.08
N LYS B 136 3.83 -17.29 2.13
CA LYS B 136 3.14 -18.47 1.62
C LYS B 136 3.35 -18.63 0.11
N ALA B 137 3.51 -17.51 -0.59
CA ALA B 137 3.66 -17.53 -2.05
C ALA B 137 5.10 -17.77 -2.44
N GLY B 138 5.98 -17.82 -1.43
CA GLY B 138 7.39 -18.06 -1.66
C GLY B 138 8.18 -16.86 -2.16
N PHE B 139 7.65 -15.66 -1.96
CA PHE B 139 8.37 -14.43 -2.32
C PHE B 139 9.61 -14.20 -1.46
N TYR B 140 9.50 -14.57 -0.18
CA TYR B 140 10.62 -14.52 0.76
C TYR B 140 10.22 -15.32 2.00
N ASP B 141 11.16 -15.52 2.92
CA ASP B 141 10.90 -16.39 4.07
C ASP B 141 10.67 -15.68 5.39
N ILE B 142 11.10 -14.42 5.48
CA ILE B 142 10.97 -13.61 6.68
C ILE B 142 10.49 -12.21 6.29
N GLY B 143 9.52 -11.68 7.01
CA GLY B 143 9.09 -10.31 6.75
C GLY B 143 8.52 -9.60 7.95
N ILE B 144 8.39 -8.28 7.85
CA ILE B 144 7.81 -7.48 8.92
C ILE B 144 6.57 -6.74 8.45
N GLY B 145 5.49 -6.93 9.19
CA GLY B 145 4.24 -6.23 8.92
C GLY B 145 4.05 -5.26 10.06
N ALA B 146 3.84 -3.99 9.73
CA ALA B 146 3.81 -2.93 10.74
C ALA B 146 2.73 -1.91 10.43
N GLY B 147 2.53 -0.97 11.34
CA GLY B 147 1.55 0.09 11.17
C GLY B 147 2.07 1.35 11.83
N LEU B 148 1.72 2.51 11.27
CA LEU B 148 2.24 3.77 11.79
C LEU B 148 1.25 4.88 11.48
N GLU B 149 0.93 5.69 12.49
CA GLU B 149 0.14 6.90 12.26
C GLU B 149 0.53 8.00 13.23
N SER B 150 0.71 9.20 12.72
CA SER B 150 0.84 10.38 13.56
C SER B 150 -0.31 11.28 13.19
N MET B 151 -1.41 11.16 13.92
CA MET B 151 -2.57 12.01 13.66
C MET B 151 -2.30 13.44 14.11
N THR B 152 -1.23 13.62 14.89
CA THR B 152 -0.72 14.97 15.14
C THR B 152 -0.23 15.61 13.84
N ALA B 153 0.59 14.87 13.09
CA ALA B 153 1.26 15.47 11.93
C ALA B 153 0.38 15.59 10.69
N ASN B 154 -0.57 14.68 10.52
CA ASN B 154 -1.33 14.57 9.27
C ASN B 154 -2.84 14.66 9.42
N PRO B 155 -3.43 15.77 8.94
CA PRO B 155 -4.88 15.96 8.99
C PRO B 155 -5.62 15.03 8.02
N MET B 156 -6.94 14.94 8.16
CA MET B 156 -7.72 14.00 7.38
C MET B 156 -8.58 14.66 6.29
N ALA B 157 -8.23 15.89 5.91
CA ALA B 157 -9.06 16.68 4.98
C ALA B 157 -8.96 16.24 3.52
N TRP B 158 -10.05 16.46 2.78
CA TRP B 158 -10.10 16.20 1.34
C TRP B 158 -9.36 17.30 0.59
N GLU B 159 -8.56 16.91 -0.40
CA GLU B 159 -7.74 17.83 -1.18
C GLU B 159 -8.33 18.08 -2.57
N GLY B 160 -8.69 19.32 -2.87
CA GLY B 160 -9.29 19.65 -4.16
C GLY B 160 -10.81 19.50 -4.15
N SER B 161 -11.43 19.66 -5.30
CA SER B 161 -12.88 19.52 -5.39
C SER B 161 -13.30 18.06 -5.49
N VAL B 162 -14.60 17.81 -5.29
CA VAL B 162 -15.15 16.47 -5.42
C VAL B 162 -15.68 16.32 -6.84
N ASN B 163 -15.39 15.19 -7.47
CA ASN B 163 -15.94 14.86 -8.78
C ASN B 163 -17.46 14.96 -8.75
N PRO B 164 -18.05 15.77 -9.66
CA PRO B 164 -19.51 15.95 -9.72
C PRO B 164 -20.26 14.63 -9.95
N LYS B 165 -19.54 13.63 -10.44
CA LYS B 165 -20.14 12.35 -10.73
C LYS B 165 -20.43 11.58 -9.43
N VAL B 166 -19.75 11.95 -8.36
CA VAL B 166 -19.87 11.24 -7.09
C VAL B 166 -21.33 11.18 -6.63
N LYS B 167 -22.02 12.30 -6.72
CA LYS B 167 -23.41 12.41 -6.26
C LYS B 167 -24.37 11.55 -7.07
N THR B 168 -23.99 11.19 -8.30
CA THR B 168 -24.85 10.40 -9.18
C THR B 168 -24.93 8.93 -8.79
N MET B 169 -24.07 8.51 -7.86
CA MET B 169 -24.06 7.14 -7.38
C MET B 169 -24.11 7.13 -5.87
N ALA B 170 -25.22 6.62 -5.32
CA ALA B 170 -25.43 6.61 -3.87
C ALA B 170 -24.24 6.02 -3.11
N GLN B 171 -23.77 4.86 -3.56
CA GLN B 171 -22.67 4.18 -2.88
C GLN B 171 -21.38 5.00 -2.91
N ALA B 172 -21.14 5.68 -4.03
CA ALA B 172 -19.99 6.56 -4.15
C ALA B 172 -20.13 7.75 -3.22
N GLN B 173 -21.30 8.38 -3.23
CA GLN B 173 -21.55 9.52 -2.35
C GLN B 173 -21.40 9.13 -0.87
N ASP B 174 -21.87 7.93 -0.54
CA ASP B 174 -21.81 7.45 0.84
C ASP B 174 -20.38 7.31 1.36
N CYS B 175 -19.41 7.24 0.46
CA CYS B 175 -18.00 7.14 0.85
C CYS B 175 -17.48 8.42 1.47
N LEU B 176 -18.16 9.52 1.17
CA LEU B 176 -17.78 10.82 1.72
C LEU B 176 -18.46 11.14 3.05
N LEU B 177 -19.34 10.25 3.52
CA LEU B 177 -20.04 10.48 4.79
C LEU B 177 -19.06 10.56 5.94
N PRO B 178 -19.25 11.52 6.86
CA PRO B 178 -18.42 11.50 8.06
C PRO B 178 -18.54 10.14 8.72
N MET B 179 -17.43 9.61 9.22
CA MET B 179 -17.45 8.35 9.94
C MET B 179 -18.50 8.38 11.06
N GLY B 180 -18.61 9.53 11.71
CA GLY B 180 -19.59 9.72 12.77
C GLY B 180 -21.03 9.49 12.34
N ILE B 181 -21.41 10.05 11.19
CA ILE B 181 -22.74 9.83 10.64
C ILE B 181 -22.94 8.36 10.43
N THR B 182 -21.89 7.71 9.95
CA THR B 182 -21.87 6.28 9.78
C THR B 182 -22.20 5.58 11.10
N SER B 183 -21.68 6.13 12.19
CA SER B 183 -21.98 5.61 13.52
C SER B 183 -23.48 5.69 13.81
N GLU B 184 -24.04 6.89 13.71
CA GLU B 184 -25.47 7.09 13.93
C GLU B 184 -26.30 6.11 13.11
N ASN B 185 -25.92 5.89 11.85
CA ASN B 185 -26.65 4.98 10.99
C ASN B 185 -26.75 3.57 11.55
N VAL B 186 -25.63 3.06 12.02
CA VAL B 186 -25.59 1.74 12.64
C VAL B 186 -26.47 1.72 13.87
N ALA B 187 -26.38 2.78 14.66
CA ALA B 187 -27.18 2.91 15.88
C ALA B 187 -28.66 2.73 15.58
N GLN B 188 -29.17 3.51 14.64
CA GLN B 188 -30.59 3.48 14.31
C GLN B 188 -31.02 2.17 13.64
N LYS B 189 -30.30 1.78 12.60
CA LYS B 189 -30.68 0.60 11.84
C LYS B 189 -30.76 -0.66 12.70
N PHE B 190 -29.94 -0.74 13.75
CA PHE B 190 -29.87 -1.95 14.55
C PHE B 190 -30.26 -1.75 16.01
N SER B 191 -30.81 -0.58 16.32
CA SER B 191 -31.34 -0.28 17.65
C SER B 191 -30.30 -0.43 18.75
N ILE B 192 -29.27 0.40 18.70
CA ILE B 192 -28.24 0.41 19.74
C ILE B 192 -28.43 1.61 20.65
N THR B 193 -28.89 1.35 21.87
CA THR B 193 -29.28 2.43 22.78
C THR B 193 -28.11 3.32 23.14
N ARG B 194 -28.41 4.58 23.41
CA ARG B 194 -27.41 5.53 23.88
C ARG B 194 -26.72 5.01 25.13
N GLN B 195 -27.47 4.34 25.99
CA GLN B 195 -26.92 3.84 27.25
C GLN B 195 -25.96 2.68 27.02
N GLU B 196 -26.34 1.74 26.16
CA GLU B 196 -25.44 0.67 25.75
C GLU B 196 -24.10 1.25 25.31
N GLN B 197 -24.16 2.32 24.53
CA GLN B 197 -22.95 2.92 23.96
C GLN B 197 -22.07 3.55 25.02
N ASP B 198 -22.67 4.38 25.87
CA ASP B 198 -21.93 4.99 26.97
C ASP B 198 -21.36 3.92 27.88
N GLN B 199 -22.10 2.82 28.04
CA GLN B 199 -21.66 1.70 28.86
C GLN B 199 -20.34 1.13 28.36
N ALA B 200 -20.28 0.83 27.06
CA ALA B 200 -19.09 0.25 26.46
C ALA B 200 -17.87 1.15 26.62
N ALA B 201 -18.08 2.46 26.58
CA ALA B 201 -16.99 3.42 26.76
C ALA B 201 -16.47 3.35 28.18
N VAL B 202 -17.39 3.17 29.13
CA VAL B 202 -17.03 3.01 30.53
C VAL B 202 -16.21 1.73 30.68
N GLY B 203 -16.72 0.65 30.07
CA GLY B 203 -16.06 -0.63 30.12
C GLY B 203 -14.69 -0.60 29.49
N SER B 204 -14.50 0.27 28.50
CA SER B 204 -13.20 0.41 27.85
C SER B 204 -12.20 1.14 28.74
N HIS B 205 -12.59 2.30 29.24
CA HIS B 205 -11.72 3.07 30.12
C HIS B 205 -11.35 2.26 31.35
N ARG B 206 -12.31 1.46 31.82
CA ARG B 206 -12.12 0.65 33.02
C ARG B 206 -11.07 -0.42 32.77
N LYS B 207 -11.28 -1.22 31.74
CA LYS B 207 -10.40 -2.34 31.44
C LYS B 207 -8.99 -1.89 31.05
N THR B 208 -8.90 -0.75 30.38
CA THR B 208 -7.60 -0.19 29.99
C THR B 208 -6.79 0.26 31.21
N ALA B 209 -7.43 0.93 32.16
CA ALA B 209 -6.75 1.34 33.38
C ALA B 209 -6.30 0.14 34.19
N ALA B 210 -7.17 -0.88 34.28
CA ALA B 210 -6.85 -2.11 35.00
C ALA B 210 -5.64 -2.82 34.40
N ALA B 211 -5.67 -3.00 33.09
CA ALA B 211 -4.58 -3.64 32.38
C ALA B 211 -3.27 -2.87 32.61
N THR B 212 -3.33 -1.55 32.54
CA THR B 212 -2.15 -0.72 32.71
C THR B 212 -1.53 -0.92 34.10
N ALA B 213 -2.39 -0.99 35.12
CA ALA B 213 -1.92 -1.14 36.49
C ALA B 213 -1.36 -2.54 36.73
N ALA B 214 -1.95 -3.53 36.07
CA ALA B 214 -1.53 -4.91 36.25
C ALA B 214 -0.29 -5.25 35.42
N GLY B 215 0.23 -4.28 34.70
CA GLY B 215 1.41 -4.47 33.86
C GLY B 215 1.17 -5.36 32.65
N ARG B 216 -0.08 -5.44 32.21
CA ARG B 216 -0.43 -6.30 31.08
C ARG B 216 0.02 -5.70 29.72
N PHE B 217 0.40 -4.43 29.71
CA PHE B 217 0.87 -3.79 28.49
C PHE B 217 2.38 -3.69 28.48
N LYS B 218 3.03 -4.16 29.55
CA LYS B 218 4.47 -3.95 29.68
C LYS B 218 5.30 -4.68 28.63
N ASP B 219 4.95 -5.92 28.34
CA ASP B 219 5.71 -6.73 27.39
C ASP B 219 5.59 -6.22 25.96
N GLU B 220 4.39 -5.82 25.56
CA GLU B 220 4.13 -5.40 24.18
C GLU B 220 4.63 -3.98 23.87
N ILE B 221 4.69 -3.12 24.89
CA ILE B 221 5.12 -1.74 24.68
C ILE B 221 6.64 -1.53 24.59
N ILE B 222 7.06 -0.81 23.57
CA ILE B 222 8.44 -0.38 23.44
C ILE B 222 8.49 1.11 23.71
N PRO B 223 9.25 1.53 24.74
CA PRO B 223 9.33 2.94 25.11
C PRO B 223 9.96 3.78 24.00
N ILE B 224 9.47 5.01 23.83
CA ILE B 224 9.98 5.92 22.81
C ILE B 224 10.78 7.03 23.45
N LYS B 225 12.06 7.11 23.13
CA LYS B 225 12.90 8.18 23.63
C LYS B 225 12.86 9.36 22.66
N THR B 226 12.14 10.39 23.05
CA THR B 226 11.92 11.52 22.16
C THR B 226 12.13 12.85 22.88
N LYS B 227 11.35 13.87 22.50
CA LYS B 227 11.49 15.20 23.07
C LYS B 227 10.13 15.84 23.25
N ILE B 228 10.03 16.76 24.20
CA ILE B 228 8.82 17.57 24.32
C ILE B 228 9.21 19.03 24.13
N VAL B 229 8.47 19.74 23.28
CA VAL B 229 8.80 21.11 22.92
C VAL B 229 7.77 22.07 23.48
N ASP B 230 8.24 23.08 24.22
CA ASP B 230 7.36 24.10 24.79
C ASP B 230 7.02 25.13 23.74
N PRO B 231 5.74 25.20 23.36
CA PRO B 231 5.27 26.07 22.27
C PRO B 231 5.56 27.54 22.54
N LYS B 232 5.52 27.95 23.79
CA LYS B 232 5.73 29.35 24.15
C LYS B 232 7.17 29.79 23.90
N THR B 233 8.12 28.94 24.25
CA THR B 233 9.53 29.30 24.15
C THR B 233 10.21 28.72 22.93
N GLY B 234 9.82 27.50 22.56
CA GLY B 234 10.45 26.79 21.46
C GLY B 234 11.57 25.91 21.99
N ASP B 235 11.57 25.67 23.29
CA ASP B 235 12.63 24.93 23.95
C ASP B 235 12.37 23.42 23.96
N GLU B 236 13.40 22.63 23.66
CA GLU B 236 13.30 21.18 23.69
C GLU B 236 13.83 20.59 24.99
N LYS B 237 13.19 19.54 25.47
CA LYS B 237 13.73 18.76 26.57
C LYS B 237 13.46 17.28 26.34
N PRO B 238 14.46 16.44 26.62
CA PRO B 238 14.35 14.97 26.47
C PRO B 238 13.21 14.36 27.29
N VAL B 239 12.51 13.39 26.71
CA VAL B 239 11.50 12.65 27.46
C VAL B 239 11.37 11.23 26.93
N THR B 240 10.98 10.30 27.81
CA THR B 240 10.74 8.92 27.42
C THR B 240 9.27 8.61 27.64
N ILE B 241 8.56 8.33 26.56
CA ILE B 241 7.16 7.95 26.64
C ILE B 241 7.08 6.45 26.75
N SER B 242 6.48 5.94 27.83
CA SER B 242 6.45 4.51 28.08
C SER B 242 5.06 3.98 28.39
N VAL B 243 4.09 4.88 28.51
CA VAL B 243 2.74 4.49 28.84
C VAL B 243 1.70 5.22 27.99
N ASP B 244 0.61 4.55 27.66
CA ASP B 244 -0.50 5.14 26.90
C ASP B 244 -1.10 6.30 27.70
N ASP B 245 -1.28 7.46 27.06
CA ASP B 245 -1.68 8.66 27.80
C ASP B 245 -3.13 9.13 27.59
N GLY B 246 -3.94 8.31 26.95
CA GLY B 246 -5.30 8.72 26.61
C GLY B 246 -6.35 8.26 27.59
N ILE B 247 -5.98 7.31 28.45
CA ILE B 247 -6.93 6.70 29.38
C ILE B 247 -7.46 7.72 30.39
N ARG B 248 -8.75 7.62 30.69
CA ARG B 248 -9.36 8.44 31.72
C ARG B 248 -10.07 7.53 32.73
N PRO B 249 -9.30 7.03 33.71
CA PRO B 249 -9.72 5.99 34.66
C PRO B 249 -11.08 6.24 35.32
N GLY B 250 -11.37 7.49 35.67
CA GLY B 250 -12.57 7.81 36.42
C GLY B 250 -13.81 8.14 35.61
N THR B 251 -13.76 7.91 34.29
CA THR B 251 -14.89 8.23 33.42
C THR B 251 -16.15 7.51 33.87
N SER B 252 -17.19 8.30 34.17
CA SER B 252 -18.45 7.77 34.67
C SER B 252 -19.57 7.82 33.64
N LEU B 253 -20.53 6.91 33.78
CA LEU B 253 -21.65 6.80 32.85
C LEU B 253 -22.46 8.09 32.78
N ALA B 254 -22.29 8.93 33.80
CA ALA B 254 -22.98 10.22 33.86
C ALA B 254 -22.09 11.33 33.29
N ASP B 255 -20.79 11.08 33.29
CA ASP B 255 -19.85 11.96 32.60
C ASP B 255 -20.17 11.91 31.12
N LEU B 256 -20.46 10.70 30.65
CA LEU B 256 -20.74 10.44 29.25
C LEU B 256 -22.14 10.87 28.90
N ALA B 257 -23.04 10.78 29.86
CA ALA B 257 -24.44 11.17 29.64
C ALA B 257 -24.52 12.65 29.29
N LYS B 258 -23.60 13.45 29.81
CA LYS B 258 -23.64 14.89 29.65
C LYS B 258 -23.06 15.37 28.32
N LEU B 259 -22.57 14.43 27.51
CA LEU B 259 -21.95 14.79 26.23
C LEU B 259 -22.98 14.92 25.12
N LYS B 260 -22.79 15.93 24.28
CA LYS B 260 -23.72 16.20 23.19
C LYS B 260 -23.26 15.53 21.90
N PRO B 261 -24.23 15.00 21.13
CA PRO B 261 -23.92 14.29 19.87
C PRO B 261 -23.16 15.19 18.91
N VAL B 262 -22.12 14.65 18.28
CA VAL B 262 -21.25 15.45 17.43
C VAL B 262 -21.88 15.70 16.06
N PHE B 263 -22.56 14.70 15.52
CA PHE B 263 -22.95 14.73 14.11
C PHE B 263 -24.44 14.99 13.88
N ARG B 264 -25.24 14.86 14.93
CA ARG B 264 -26.66 15.11 14.83
C ARG B 264 -27.18 15.73 16.12
N LYS B 265 -28.33 16.40 16.05
CA LYS B 265 -28.96 16.94 17.24
C LYS B 265 -29.61 15.85 18.09
N ASP B 266 -30.31 14.93 17.44
CA ASP B 266 -31.00 13.84 18.12
C ASP B 266 -30.18 12.54 18.06
N GLY B 267 -28.87 12.68 17.88
CA GLY B 267 -27.99 11.53 17.75
C GLY B 267 -27.58 10.92 19.06
N SER B 268 -26.80 9.84 18.99
CA SER B 268 -26.35 9.13 20.18
C SER B 268 -24.87 8.78 20.11
N THR B 269 -24.14 9.43 19.20
CA THR B 269 -22.70 9.27 19.11
C THR B 269 -22.01 10.53 19.58
N THR B 270 -21.10 10.38 20.54
CA THR B 270 -20.36 11.52 21.08
C THR B 270 -18.86 11.24 21.03
N ALA B 271 -18.07 12.26 21.36
CA ALA B 271 -16.62 12.09 21.46
C ALA B 271 -16.26 10.94 22.41
N GLY B 272 -17.09 10.71 23.43
CA GLY B 272 -16.81 9.68 24.42
C GLY B 272 -17.15 8.28 23.95
N THR B 273 -17.96 8.18 22.91
CA THR B 273 -18.30 6.89 22.34
C THR B 273 -17.65 6.70 20.97
N SER B 274 -16.60 7.47 20.71
CA SER B 274 -15.82 7.32 19.49
C SER B 274 -14.37 7.04 19.87
N SER B 275 -13.61 6.43 18.97
CA SER B 275 -12.19 6.26 19.20
C SER B 275 -11.52 7.62 19.38
N GLN B 276 -10.39 7.66 20.05
CA GLN B 276 -9.64 8.89 20.19
C GLN B 276 -8.67 9.04 19.03
N VAL B 277 -8.41 10.27 18.61
N VAL B 277 -8.39 10.27 18.64
CA VAL B 277 -7.35 10.51 17.64
CA VAL B 277 -7.34 10.56 17.67
C VAL B 277 -5.99 10.36 18.33
C VAL B 277 -5.98 10.36 18.35
N SER B 278 -5.10 9.56 17.75
CA SER B 278 -3.84 9.21 18.41
C SER B 278 -2.63 9.08 17.50
N ASP B 279 -1.46 9.07 18.12
CA ASP B 279 -0.19 8.77 17.46
C ASP B 279 0.33 7.43 18.00
N GLY B 280 0.92 6.61 17.14
CA GLY B 280 1.52 5.37 17.58
C GLY B 280 1.96 4.45 16.45
N ALA B 281 2.53 3.31 16.81
CA ALA B 281 3.03 2.37 15.81
C ALA B 281 3.01 0.95 16.35
N GLY B 282 2.85 -0.02 15.47
CA GLY B 282 2.99 -1.42 15.81
C GLY B 282 3.84 -2.14 14.78
N ALA B 283 4.43 -3.27 15.15
CA ALA B 283 5.21 -4.05 14.21
C ALA B 283 5.29 -5.52 14.61
N VAL B 284 5.22 -6.39 13.61
CA VAL B 284 5.19 -7.85 13.80
C VAL B 284 6.25 -8.55 12.94
N LEU B 285 7.03 -9.44 13.56
CA LEU B 285 8.03 -10.21 12.81
C LEU B 285 7.51 -11.60 12.47
N LEU B 286 7.41 -11.90 11.16
CA LEU B 286 6.86 -13.17 10.68
C LEU B 286 7.86 -13.97 9.87
N MET B 287 7.75 -15.29 9.94
CA MET B 287 8.63 -16.16 9.18
C MET B 287 8.01 -17.54 9.04
N LYS B 288 8.57 -18.37 8.17
CA LYS B 288 8.12 -19.75 8.07
C LYS B 288 8.43 -20.45 9.39
N ARG B 289 7.55 -21.37 9.79
CA ARG B 289 7.79 -22.18 11.00
C ARG B 289 9.16 -22.84 10.95
N SER B 290 9.50 -23.45 9.82
CA SER B 290 10.78 -24.13 9.67
C SER B 290 11.98 -23.24 9.95
N ILE B 291 11.83 -21.94 9.68
N ILE B 291 11.83 -21.94 9.72
CA ILE B 291 12.90 -20.99 9.94
CA ILE B 291 12.95 -21.03 9.97
C ILE B 291 13.03 -20.70 11.43
C ILE B 291 13.03 -20.64 11.45
N ALA B 292 11.89 -20.48 12.09
CA ALA B 292 11.88 -20.21 13.53
C ALA B 292 12.47 -21.41 14.24
N LEU B 293 12.16 -22.60 13.74
CA LEU B 293 12.69 -23.83 14.31
C LEU B 293 14.20 -23.92 14.13
N GLN B 294 14.66 -23.72 12.90
CA GLN B 294 16.09 -23.70 12.60
C GLN B 294 16.84 -22.71 13.49
N LYS B 295 16.25 -21.56 13.75
CA LYS B 295 16.89 -20.54 14.57
C LYS B 295 16.62 -20.72 16.08
N GLY B 296 15.80 -21.72 16.41
CA GLY B 296 15.43 -21.97 17.79
C GLY B 296 14.72 -20.80 18.45
N LEU B 297 13.85 -20.13 17.69
CA LEU B 297 13.09 -19.01 18.21
C LEU B 297 11.74 -19.46 18.73
N PRO B 298 11.39 -19.02 19.96
CA PRO B 298 10.05 -19.31 20.46
C PRO B 298 8.99 -18.69 19.54
N ILE B 299 7.90 -19.40 19.34
CA ILE B 299 6.83 -18.92 18.48
C ILE B 299 5.74 -18.22 19.31
N LEU B 300 5.56 -16.92 19.08
CA LEU B 300 4.56 -16.15 19.82
C LEU B 300 3.15 -16.46 19.35
N GLY B 301 3.00 -16.70 18.05
CA GLY B 301 1.70 -16.99 17.48
C GLY B 301 1.82 -17.58 16.09
N VAL B 302 0.69 -18.04 15.55
CA VAL B 302 0.65 -18.63 14.21
C VAL B 302 -0.41 -17.93 13.38
N PHE B 303 -0.03 -17.39 12.23
CA PHE B 303 -1.03 -16.80 11.34
C PHE B 303 -1.86 -17.93 10.73
N ARG B 304 -3.19 -17.80 10.74
CA ARG B 304 -4.04 -18.82 10.10
C ARG B 304 -4.77 -18.31 8.85
N THR B 305 -5.61 -17.29 9.00
CA THR B 305 -6.38 -16.77 7.86
C THR B 305 -6.61 -15.26 7.92
N PHE B 306 -6.92 -14.69 6.77
CA PHE B 306 -7.25 -13.28 6.70
C PHE B 306 -8.41 -13.07 5.73
N ALA B 307 -9.31 -12.15 6.07
CA ALA B 307 -10.39 -11.80 5.17
C ALA B 307 -10.56 -10.29 5.13
N ALA B 308 -10.77 -9.75 3.95
CA ALA B 308 -11.16 -8.36 3.78
C ALA B 308 -12.34 -8.36 2.83
N VAL B 309 -13.47 -7.79 3.27
CA VAL B 309 -14.70 -7.84 2.50
C VAL B 309 -15.31 -6.45 2.41
N GLY B 310 -16.18 -6.24 1.43
CA GLY B 310 -16.87 -4.98 1.31
C GLY B 310 -18.25 -5.05 1.95
N VAL B 311 -18.66 -3.92 2.52
CA VAL B 311 -19.99 -3.73 3.08
C VAL B 311 -20.48 -2.34 2.66
N PRO B 312 -21.74 -2.02 2.95
CA PRO B 312 -22.25 -0.70 2.54
C PRO B 312 -21.52 0.45 3.23
N PRO B 313 -21.04 1.42 2.45
CA PRO B 313 -20.31 2.57 3.00
C PRO B 313 -21.08 3.33 4.09
N SER B 314 -22.40 3.40 3.98
CA SER B 314 -23.21 4.17 4.93
C SER B 314 -23.24 3.56 6.34
N ILE B 315 -23.00 2.26 6.43
CA ILE B 315 -22.92 1.59 7.72
C ILE B 315 -21.64 0.74 7.79
N MET B 316 -20.52 1.37 7.48
CA MET B 316 -19.24 0.67 7.40
C MET B 316 -18.94 -0.10 8.68
N GLY B 317 -19.49 0.39 9.80
CA GLY B 317 -19.30 -0.26 11.09
C GLY B 317 -19.59 -1.75 11.18
N ILE B 318 -20.45 -2.26 10.29
CA ILE B 318 -20.80 -3.67 10.33
C ILE B 318 -19.67 -4.54 9.81
N GLY B 319 -18.55 -3.90 9.47
CA GLY B 319 -17.41 -4.59 8.91
C GLY B 319 -17.06 -5.91 9.56
N PRO B 320 -16.78 -5.89 10.87
CA PRO B 320 -16.41 -7.13 11.57
C PRO B 320 -17.49 -8.21 11.51
N ALA B 321 -18.75 -7.79 11.51
CA ALA B 321 -19.87 -8.72 11.48
C ALA B 321 -19.82 -9.59 10.23
N VAL B 322 -19.22 -9.06 9.17
CA VAL B 322 -19.08 -9.80 7.94
C VAL B 322 -17.69 -10.42 7.80
N ALA B 323 -16.65 -9.70 8.21
CA ALA B 323 -15.29 -10.18 8.02
C ALA B 323 -14.97 -11.35 8.97
N ILE B 324 -15.33 -11.22 10.24
CA ILE B 324 -15.04 -12.27 11.22
C ILE B 324 -15.55 -13.65 10.79
N PRO B 325 -16.85 -13.76 10.45
CA PRO B 325 -17.32 -15.07 9.97
C PRO B 325 -16.52 -15.62 8.79
N ALA B 326 -16.11 -14.75 7.86
CA ALA B 326 -15.34 -15.20 6.70
C ALA B 326 -13.96 -15.76 7.08
N ALA B 327 -13.25 -15.04 7.94
CA ALA B 327 -11.92 -15.48 8.38
C ALA B 327 -12.06 -16.76 9.22
N VAL B 328 -13.06 -16.79 10.08
CA VAL B 328 -13.27 -17.97 10.93
C VAL B 328 -13.58 -19.19 10.08
N LYS B 329 -14.50 -19.02 9.12
CA LYS B 329 -14.88 -20.10 8.23
C LYS B 329 -13.68 -20.62 7.45
N ALA B 330 -12.88 -19.71 6.94
CA ALA B 330 -11.69 -20.08 6.20
C ALA B 330 -10.69 -20.86 7.09
N ALA B 331 -10.73 -20.60 8.39
CA ALA B 331 -9.79 -21.24 9.30
C ALA B 331 -10.31 -22.61 9.75
N GLY B 332 -11.39 -23.06 9.12
CA GLY B 332 -12.01 -24.33 9.49
C GLY B 332 -12.61 -24.30 10.88
N LEU B 333 -12.89 -23.09 11.38
CA LEU B 333 -13.36 -22.95 12.74
C LEU B 333 -14.81 -22.46 12.84
N GLN B 334 -15.30 -22.36 14.07
CA GLN B 334 -16.60 -21.77 14.36
C GLN B 334 -16.36 -20.60 15.29
N ILE B 335 -17.28 -19.64 15.28
CA ILE B 335 -17.10 -18.43 16.08
C ILE B 335 -16.82 -18.77 17.54
N ASP B 336 -17.53 -19.75 18.09
CA ASP B 336 -17.35 -20.11 19.49
C ASP B 336 -15.95 -20.67 19.79
N ASP B 337 -15.25 -21.12 18.75
CA ASP B 337 -13.90 -21.65 18.92
C ASP B 337 -12.88 -20.55 19.22
N ILE B 338 -13.27 -19.29 19.02
CA ILE B 338 -12.35 -18.19 19.26
C ILE B 338 -12.39 -17.76 20.72
N ASP B 339 -11.22 -17.70 21.35
CA ASP B 339 -11.10 -17.43 22.77
C ASP B 339 -10.96 -15.95 23.09
N LEU B 340 -10.32 -15.21 22.19
CA LEU B 340 -10.05 -13.79 22.40
C LEU B 340 -10.29 -13.01 21.13
N PHE B 341 -10.90 -11.84 21.25
CA PHE B 341 -11.10 -10.94 20.12
C PHE B 341 -10.47 -9.59 20.38
N GLU B 342 -9.85 -9.01 19.36
CA GLU B 342 -9.51 -7.60 19.37
C GLU B 342 -10.33 -6.93 18.28
N ILE B 343 -11.48 -6.40 18.67
CA ILE B 343 -12.37 -5.70 17.74
C ILE B 343 -12.24 -4.21 17.98
N ASN B 344 -11.76 -3.48 16.97
CA ASN B 344 -11.48 -2.07 17.15
C ASN B 344 -12.73 -1.31 17.60
N GLU B 345 -12.54 -0.37 18.52
CA GLU B 345 -13.62 0.48 19.01
C GLU B 345 -13.67 1.80 18.26
N ALA B 346 -14.04 1.75 16.98
CA ALA B 346 -14.18 2.96 16.19
C ALA B 346 -15.33 3.81 16.76
N PHE B 347 -16.45 3.15 17.00
CA PHE B 347 -17.58 3.76 17.69
C PHE B 347 -18.26 2.71 18.57
N ALA B 348 -18.77 3.13 19.73
CA ALA B 348 -19.47 2.18 20.60
C ALA B 348 -20.64 1.55 19.86
N SER B 349 -21.40 2.37 19.14
CA SER B 349 -22.52 1.89 18.34
C SER B 349 -22.13 0.67 17.53
N GLN B 350 -21.08 0.84 16.74
CA GLN B 350 -20.58 -0.21 15.87
C GLN B 350 -19.96 -1.36 16.67
N PHE B 351 -19.25 -1.01 17.75
CA PHE B 351 -18.59 -2.02 18.58
C PHE B 351 -19.60 -2.97 19.22
N VAL B 352 -20.65 -2.41 19.82
CA VAL B 352 -21.70 -3.23 20.43
C VAL B 352 -22.46 -4.07 19.40
N TYR B 353 -22.85 -3.46 18.29
CA TYR B 353 -23.60 -4.19 17.27
C TYR B 353 -22.90 -5.47 16.83
N CYS B 354 -21.60 -5.37 16.53
CA CYS B 354 -20.89 -6.54 16.05
C CYS B 354 -20.84 -7.63 17.12
N GLN B 355 -20.71 -7.20 18.37
CA GLN B 355 -20.74 -8.13 19.50
C GLN B 355 -22.08 -8.87 19.53
N LYS B 356 -23.16 -8.12 19.60
CA LYS B 356 -24.51 -8.68 19.59
C LYS B 356 -24.75 -9.55 18.37
N LYS B 357 -24.48 -9.00 17.19
CA LYS B 357 -24.77 -9.66 15.93
C LYS B 357 -24.08 -11.02 15.80
N LEU B 358 -22.81 -11.08 16.22
CA LEU B 358 -22.06 -12.33 16.16
C LEU B 358 -22.32 -13.15 17.42
N GLU B 359 -23.06 -12.57 18.35
CA GLU B 359 -23.40 -13.23 19.61
C GLU B 359 -22.16 -13.75 20.31
N ILE B 360 -21.22 -12.85 20.56
CA ILE B 360 -19.98 -13.17 21.26
C ILE B 360 -20.07 -12.70 22.70
N ASP B 361 -19.51 -13.47 23.62
CA ASP B 361 -19.44 -13.05 25.00
C ASP B 361 -18.53 -11.82 25.13
N PRO B 362 -19.09 -10.70 25.58
CA PRO B 362 -18.34 -9.45 25.71
C PRO B 362 -17.11 -9.61 26.61
N GLN B 363 -17.08 -10.68 27.39
CA GLN B 363 -15.92 -10.98 28.23
C GLN B 363 -14.74 -11.48 27.41
N LYS B 364 -14.99 -11.75 26.13
CA LYS B 364 -13.94 -12.26 25.26
C LYS B 364 -13.42 -11.18 24.31
N ILE B 365 -13.97 -9.98 24.43
CA ILE B 365 -13.62 -8.89 23.52
C ILE B 365 -12.89 -7.75 24.21
N ASN B 366 -11.75 -7.35 23.64
CA ASN B 366 -10.94 -6.26 24.18
C ASN B 366 -10.78 -6.37 25.71
N VAL B 367 -10.26 -7.51 26.16
CA VAL B 367 -10.13 -7.80 27.57
C VAL B 367 -9.23 -6.79 28.29
N ASN B 368 -8.35 -6.14 27.52
CA ASN B 368 -7.49 -5.11 28.07
C ASN B 368 -7.87 -3.68 27.68
N GLY B 369 -9.11 -3.49 27.22
CA GLY B 369 -9.59 -2.17 26.80
C GLY B 369 -9.46 -1.98 25.30
N GLY B 370 -9.93 -0.84 24.80
CA GLY B 370 -9.91 -0.55 23.36
C GLY B 370 -9.75 0.92 23.02
N ALA B 371 -9.87 1.23 21.73
CA ALA B 371 -9.55 2.56 21.17
C ALA B 371 -10.34 3.73 21.78
N MET B 372 -11.53 3.46 22.30
CA MET B 372 -12.27 4.50 23.00
C MET B 372 -11.45 5.01 24.19
N ALA B 373 -10.63 4.13 24.76
CA ALA B 373 -9.78 4.48 25.90
C ALA B 373 -8.31 4.65 25.52
N ILE B 374 -7.81 3.77 24.65
CA ILE B 374 -6.38 3.74 24.29
C ILE B 374 -6.04 4.57 23.05
N GLY B 375 -7.00 4.75 22.15
CA GLY B 375 -6.76 5.53 20.95
C GLY B 375 -6.68 4.69 19.69
N HIS B 376 -6.78 5.36 18.55
CA HIS B 376 -6.89 4.70 17.25
C HIS B 376 -6.02 5.43 16.25
N PRO B 377 -4.68 5.24 16.36
CA PRO B 377 -3.80 5.82 15.34
C PRO B 377 -4.02 5.00 14.08
N LEU B 378 -4.77 5.56 13.14
CA LEU B 378 -5.38 4.79 12.03
C LEU B 378 -4.55 3.60 11.55
N GLY B 379 -3.38 3.87 10.99
CA GLY B 379 -2.58 2.82 10.37
C GLY B 379 -1.98 1.85 11.37
N ALA B 380 -1.73 2.32 12.58
CA ALA B 380 -1.05 1.49 13.58
C ALA B 380 -1.97 0.47 14.22
N THR B 381 -3.25 0.82 14.34
CA THR B 381 -4.20 -0.01 15.07
C THR B 381 -4.16 -1.50 14.71
N GLY B 382 -4.25 -1.82 13.43
CA GLY B 382 -4.29 -3.21 13.02
C GLY B 382 -3.04 -4.00 13.39
N ALA B 383 -1.89 -3.33 13.38
CA ALA B 383 -0.65 -3.99 13.74
C ALA B 383 -0.49 -4.07 15.25
N ARG B 384 -0.79 -2.96 15.94
CA ARG B 384 -0.64 -2.94 17.39
C ARG B 384 -1.59 -3.93 18.05
N CYS B 385 -2.77 -4.11 17.46
CA CYS B 385 -3.74 -5.07 18.00
C CYS B 385 -3.27 -6.51 17.90
N VAL B 386 -2.41 -6.82 16.93
CA VAL B 386 -1.83 -8.15 16.85
C VAL B 386 -0.92 -8.37 18.05
N ALA B 387 -0.10 -7.37 18.38
CA ALA B 387 0.78 -7.48 19.54
C ALA B 387 -0.05 -7.61 20.81
N THR B 388 -1.05 -6.74 20.95
CA THR B 388 -1.95 -6.80 22.10
C THR B 388 -2.61 -8.17 22.21
N LEU B 389 -3.12 -8.68 21.09
CA LEU B 389 -3.78 -9.99 21.07
C LEU B 389 -2.84 -11.12 21.44
N LEU B 390 -1.68 -11.17 20.79
CA LEU B 390 -0.80 -12.32 20.95
C LEU B 390 -0.21 -12.42 22.36
N HIS B 391 0.23 -11.28 22.90
CA HIS B 391 0.82 -11.27 24.23
C HIS B 391 -0.20 -11.68 25.28
N GLU B 392 -1.44 -11.21 25.14
CA GLU B 392 -2.50 -11.60 26.06
C GLU B 392 -2.84 -13.09 25.95
N MET B 393 -2.96 -13.59 24.72
CA MET B 393 -3.19 -15.02 24.52
C MET B 393 -2.10 -15.84 25.21
N LYS B 394 -0.88 -15.35 25.15
CA LYS B 394 0.26 -16.04 25.74
C LYS B 394 0.13 -16.07 27.26
N ARG B 395 -0.25 -14.93 27.83
N ARG B 395 -0.23 -14.93 27.85
CA ARG B 395 -0.42 -14.78 29.27
CA ARG B 395 -0.39 -14.85 29.31
C ARG B 395 -1.52 -15.69 29.81
C ARG B 395 -1.51 -15.74 29.83
N ARG B 396 -2.52 -15.96 28.99
CA ARG B 396 -3.66 -16.77 29.40
C ARG B 396 -3.36 -18.26 29.29
N GLY B 397 -2.18 -18.57 28.78
CA GLY B 397 -1.73 -19.95 28.72
C GLY B 397 -2.41 -20.82 27.68
N ARG B 398 -2.00 -22.08 27.65
CA ARG B 398 -2.41 -23.08 26.66
C ARG B 398 -3.89 -23.11 26.30
N ASP B 399 -4.76 -22.78 27.24
CA ASP B 399 -6.20 -22.88 27.00
C ASP B 399 -6.74 -21.75 26.11
N CYS B 400 -5.94 -20.72 25.90
CA CYS B 400 -6.32 -19.64 25.01
C CYS B 400 -5.71 -19.93 23.65
N ARG B 401 -6.44 -20.69 22.82
CA ARG B 401 -5.85 -21.26 21.61
C ARG B 401 -6.03 -20.44 20.34
N PHE B 402 -7.17 -19.76 20.20
CA PHE B 402 -7.46 -19.00 18.98
C PHE B 402 -7.88 -17.57 19.28
N GLY B 403 -7.33 -16.64 18.51
CA GLY B 403 -7.66 -15.23 18.68
C GLY B 403 -7.94 -14.61 17.34
N VAL B 404 -8.65 -13.49 17.36
CA VAL B 404 -9.01 -12.74 16.15
C VAL B 404 -8.75 -11.24 16.34
N VAL B 405 -8.20 -10.61 15.30
CA VAL B 405 -8.13 -9.16 15.23
C VAL B 405 -9.08 -8.76 14.12
N SER B 406 -9.92 -7.76 14.35
CA SER B 406 -10.89 -7.37 13.34
C SER B 406 -11.26 -5.90 13.50
N MET B 407 -11.61 -5.25 12.40
CA MET B 407 -12.05 -3.86 12.48
C MET B 407 -12.96 -3.50 11.31
N CYS B 408 -13.80 -2.51 11.55
CA CYS B 408 -14.58 -1.88 10.47
C CYS B 408 -13.66 -0.88 9.76
N ILE B 409 -14.05 -0.49 8.54
CA ILE B 409 -13.16 0.26 7.67
C ILE B 409 -13.91 1.33 6.91
N GLY B 410 -13.45 2.57 7.02
CA GLY B 410 -14.03 3.69 6.30
C GLY B 410 -14.18 3.42 4.82
N THR B 411 -15.30 3.89 4.28
CA THR B 411 -15.74 3.65 2.89
C THR B 411 -16.41 2.28 2.71
N GLY B 412 -16.58 1.54 3.81
CA GLY B 412 -17.37 0.32 3.79
C GLY B 412 -16.65 -1.00 3.55
N MET B 413 -15.80 -1.39 4.50
CA MET B 413 -15.15 -2.68 4.40
C MET B 413 -14.98 -3.25 5.80
N GLY B 414 -14.57 -4.51 5.87
CA GLY B 414 -14.22 -5.11 7.14
C GLY B 414 -13.03 -6.01 6.92
N ALA B 415 -12.21 -6.19 7.95
CA ALA B 415 -11.10 -7.13 7.88
C ALA B 415 -11.06 -7.93 9.17
N ALA B 416 -10.56 -9.15 9.06
CA ALA B 416 -10.43 -10.02 10.21
C ALA B 416 -9.31 -10.99 9.92
N ALA B 417 -8.56 -11.34 10.96
CA ALA B 417 -7.50 -12.33 10.85
C ALA B 417 -7.63 -13.30 12.01
N VAL B 418 -7.45 -14.58 11.73
CA VAL B 418 -7.42 -15.59 12.79
C VAL B 418 -5.99 -15.97 13.14
N PHE B 419 -5.69 -15.97 14.43
CA PHE B 419 -4.36 -16.34 14.93
C PHE B 419 -4.48 -17.52 15.89
N GLU B 420 -3.46 -18.36 15.90
CA GLU B 420 -3.40 -19.47 16.86
C GLU B 420 -2.24 -19.31 17.84
N ARG B 421 -2.37 -19.93 19.01
CA ARG B 421 -1.36 -19.87 20.05
C ARG B 421 0.01 -20.35 19.56
N GLY B 422 1.07 -19.80 20.13
CA GLY B 422 2.42 -20.23 19.80
C GLY B 422 3.03 -21.16 20.84
N ASP B 423 4.35 -21.26 20.82
CA ASP B 423 5.19 -21.95 21.82
C ASP B 423 6.44 -22.59 21.24
#